data_8TFT
#
_entry.id   8TFT
#
_cell.length_a   218.338
_cell.length_b   69.785
_cell.length_c   93.632
_cell.angle_alpha   90.000
_cell.angle_beta   99.897
_cell.angle_gamma   90.000
#
_symmetry.space_group_name_H-M   'C 1 2 1'
#
loop_
_entity.id
_entity.type
_entity.pdbx_description
1 polymer 'O-13-1 IgG1 Fab heavy chain'
2 polymer 'O-13-1 IgG1 Fab light chain'
3 polymer 'T-cell immunoglobulin mucin receptor 3'
4 non-polymer 2-acetamido-2-deoxy-beta-D-glucopyranose
5 water water
#
loop_
_entity_poly.entity_id
_entity_poly.type
_entity_poly.pdbx_seq_one_letter_code
_entity_poly.pdbx_strand_id
1 'polypeptide(L)'
;EVQLLESGGGLVQPGGSLRLSCAASGFTFSSYAMSWVRQAPGKGLEWVSAISGSGGSTYYADSVKGRFTISRDNSKNTLY
LQMNSLRAEDTAVYYCARGSYGTYYGNYFEYWGQGTLVTVSSASTKGPSVFPLAPSSKSTSGGTAALGCLVKDYFPEPVT
VSWNSGALTSGVHTFPAVLQSSGLYSLSSVVTVPSSSLGTQTYICNVNHKPSNTKVDKRVEPKSCDK
;
I,H
2 'polypeptide(L)'
;SYVLTQPPSVSVAPGKTARITCGGDNIGGKSVHWYQQKPGQAPVLVIYYDSDRPSGIPERFSGSNSGNTATLTISRVEAG
DEADYYCQVLDRRSDHWLFGGGTKLTVLGQPKAAPSVTLFPPSSEELQANKATLVCLISDFYPGAVTVAWKADSSPVKAG
VETTTPSKQSNNKYAASSYLSLTPEQWKSHRSYSCQVTHEGSTVEKTVAPTEC
;
M,L
3 'polypeptide(L)'
;SEVEYRAEVGQNAYLPCFYTPAAPGNLVPVCWGKGACPVFECGNVVLRTDERDVNYWTSRYWLNGDFRKGDVSLTIENVT
LADSGIYCCRIQIPGIMNDEKFNLKLVIK
;
F,G
#
loop_
_chem_comp.id
_chem_comp.type
_chem_comp.name
_chem_comp.formula
NAG D-saccharide, beta linking 2-acetamido-2-deoxy-beta-D-glucopyranose 'C8 H15 N O6'
#
# COMPACT_ATOMS: atom_id res chain seq x y z
N GLU A 1 2.97 26.26 -32.97
CA GLU A 1 3.42 25.36 -31.89
C GLU A 1 3.19 23.90 -32.32
N VAL A 2 4.14 23.03 -31.95
CA VAL A 2 4.02 21.60 -32.20
C VAL A 2 2.92 21.03 -31.31
N GLN A 3 2.12 20.13 -31.87
CA GLN A 3 1.02 19.54 -31.14
C GLN A 3 0.90 18.05 -31.50
N LEU A 4 0.82 17.22 -30.46
CA LEU A 4 0.65 15.78 -30.57
C LEU A 4 -0.48 15.32 -29.66
N LEU A 5 -1.56 14.83 -30.25
CA LEU A 5 -2.72 14.42 -29.48
C LEU A 5 -3.01 12.94 -29.74
N GLU A 6 -2.88 12.14 -28.67
CA GLU A 6 -3.22 10.73 -28.72
C GLU A 6 -4.72 10.55 -28.53
N SER A 7 -5.29 9.53 -29.17
CA SER A 7 -6.63 9.06 -28.91
C SER A 7 -6.72 7.55 -29.12
N GLY A 8 -7.83 6.94 -28.69
CA GLY A 8 -8.09 5.53 -28.94
C GLY A 8 -7.86 4.65 -27.72
N GLY A 9 -7.26 5.20 -26.66
CA GLY A 9 -7.03 4.44 -25.44
C GLY A 9 -8.34 4.06 -24.76
N GLY A 10 -8.26 3.11 -23.83
CA GLY A 10 -9.43 2.64 -23.12
C GLY A 10 -9.26 1.21 -22.61
N LEU A 11 -10.40 0.58 -22.34
CA LEU A 11 -10.46 -0.74 -21.74
C LEU A 11 -10.50 -1.78 -22.85
N VAL A 12 -9.85 -2.93 -22.61
CA VAL A 12 -9.83 -4.04 -23.54
C VAL A 12 -9.42 -5.28 -22.76
N GLN A 13 -9.89 -6.45 -23.21
CA GLN A 13 -9.67 -7.69 -22.47
C GLN A 13 -8.36 -8.34 -22.91
N PRO A 14 -7.70 -9.13 -22.04
CA PRO A 14 -6.54 -9.92 -22.45
C PRO A 14 -6.82 -10.68 -23.74
N GLY A 15 -5.86 -10.63 -24.68
CA GLY A 15 -6.01 -11.26 -25.98
C GLY A 15 -6.63 -10.33 -27.02
N GLY A 16 -7.28 -9.25 -26.56
CA GLY A 16 -8.00 -8.33 -27.45
C GLY A 16 -7.07 -7.39 -28.19
N SER A 17 -7.65 -6.59 -29.09
CA SER A 17 -6.90 -5.66 -29.92
C SER A 17 -7.37 -4.23 -29.67
N LEU A 18 -6.57 -3.27 -30.15
CA LEU A 18 -6.84 -1.85 -29.96
C LEU A 18 -5.97 -1.06 -30.93
N ARG A 19 -6.43 0.12 -31.33
CA ARG A 19 -5.69 0.95 -32.26
C ARG A 19 -5.59 2.37 -31.72
N LEU A 20 -4.36 2.80 -31.40
CA LEU A 20 -4.11 4.16 -30.94
C LEU A 20 -3.87 5.08 -32.15
N SER A 21 -4.19 6.37 -31.96
CA SER A 21 -3.98 7.37 -32.99
C SER A 21 -3.28 8.57 -32.36
N CYS A 22 -2.48 9.26 -33.19
CA CYS A 22 -1.79 10.46 -32.76
C CYS A 22 -1.89 11.49 -33.88
N ALA A 23 -2.73 12.51 -33.67
CA ALA A 23 -2.84 13.61 -34.62
C ALA A 23 -1.72 14.61 -34.36
N ALA A 24 -1.01 14.98 -35.43
CA ALA A 24 0.14 15.88 -35.33
C ALA A 24 -0.15 17.15 -36.12
N SER A 25 0.41 18.26 -35.62
CA SER A 25 0.22 19.56 -36.25
C SER A 25 1.37 20.48 -35.86
N GLY A 26 1.62 21.50 -36.69
CA GLY A 26 2.58 22.54 -36.38
C GLY A 26 3.99 22.23 -36.88
N PHE A 27 4.10 21.28 -37.82
CA PHE A 27 5.36 20.91 -38.44
C PHE A 27 5.06 19.99 -39.63
N THR A 28 6.02 19.86 -40.55
CA THR A 28 5.83 18.98 -41.69
C THR A 28 5.99 17.55 -41.21
N PHE A 29 4.88 16.81 -41.18
CA PHE A 29 4.82 15.53 -40.48
C PHE A 29 5.78 14.52 -41.10
N SER A 30 5.83 14.48 -42.42
CA SER A 30 6.60 13.50 -43.16
C SER A 30 8.10 13.66 -42.92
N SER A 31 8.52 14.86 -42.48
CA SER A 31 9.93 15.19 -42.33
C SER A 31 10.51 14.64 -41.02
N TYR A 32 9.71 13.94 -40.21
CA TYR A 32 10.12 13.56 -38.88
C TYR A 32 9.76 12.10 -38.58
N ALA A 33 10.74 11.36 -38.06
CA ALA A 33 10.51 10.05 -37.48
C ALA A 33 9.64 10.20 -36.24
N MET A 34 8.73 9.24 -36.05
CA MET A 34 7.81 9.23 -34.91
C MET A 34 8.05 7.97 -34.08
N SER A 35 7.75 8.05 -32.77
CA SER A 35 7.80 6.91 -31.88
C SER A 35 6.51 6.81 -31.05
N TRP A 36 6.39 5.67 -30.35
CA TRP A 36 5.49 5.52 -29.21
C TRP A 36 6.33 5.13 -28.01
N VAL A 37 6.06 5.77 -26.87
CA VAL A 37 6.67 5.42 -25.59
C VAL A 37 5.55 5.20 -24.58
N ARG A 38 5.76 4.28 -23.62
CA ARG A 38 4.73 3.96 -22.64
C ARG A 38 5.30 3.92 -21.23
N GLN A 39 4.38 3.93 -20.27
CA GLN A 39 4.72 3.96 -18.85
C GLN A 39 3.59 3.34 -18.05
N ALA A 40 3.86 2.13 -17.55
CA ALA A 40 3.00 1.44 -16.60
C ALA A 40 2.92 2.28 -15.34
N PRO A 41 1.78 2.22 -14.59
CA PRO A 41 1.62 3.00 -13.38
C PRO A 41 2.73 2.73 -12.37
N GLY A 42 3.37 3.81 -11.90
CA GLY A 42 4.42 3.74 -10.90
C GLY A 42 5.77 3.28 -11.46
N LYS A 43 5.85 3.08 -12.79
CA LYS A 43 7.02 2.48 -13.42
C LYS A 43 7.77 3.49 -14.28
N GLY A 44 8.87 3.03 -14.87
CA GLY A 44 9.70 3.84 -15.74
C GLY A 44 9.14 3.95 -17.16
N LEU A 45 9.79 4.79 -17.96
CA LEU A 45 9.49 4.94 -19.38
C LEU A 45 10.03 3.72 -20.13
N GLU A 46 9.26 3.27 -21.12
CA GLU A 46 9.65 2.13 -21.93
C GLU A 46 9.30 2.44 -23.38
N TRP A 47 10.34 2.57 -24.21
CA TRP A 47 10.16 2.75 -25.63
C TRP A 47 9.51 1.50 -26.23
N VAL A 48 8.63 1.72 -27.22
CA VAL A 48 7.75 0.69 -27.73
C VAL A 48 8.06 0.45 -29.21
N SER A 49 7.86 1.48 -30.03
CA SER A 49 7.92 1.35 -31.47
C SER A 49 8.29 2.69 -32.09
N ALA A 50 8.91 2.65 -33.28
CA ALA A 50 9.23 3.86 -34.03
C ALA A 50 9.10 3.57 -35.52
N ILE A 51 9.01 4.65 -36.30
CA ILE A 51 8.84 4.60 -37.74
C ILE A 51 9.46 5.84 -38.38
N SER A 52 10.09 5.67 -39.54
CA SER A 52 10.81 6.75 -40.20
C SER A 52 9.83 7.72 -40.84
N GLY A 53 10.32 8.92 -41.17
CA GLY A 53 9.52 9.96 -41.80
C GLY A 53 8.64 9.39 -42.92
N SER A 54 9.27 8.59 -43.79
CA SER A 54 8.62 8.09 -45.00
C SER A 54 7.72 6.89 -44.70
N GLY A 55 7.93 6.21 -43.57
CA GLY A 55 7.27 4.94 -43.30
C GLY A 55 8.09 3.73 -43.75
N GLY A 56 9.27 3.98 -44.34
CA GLY A 56 10.09 2.92 -44.93
C GLY A 56 10.65 1.93 -43.90
N SER A 57 10.90 2.40 -42.69
CA SER A 57 11.52 1.57 -41.65
C SER A 57 10.65 1.58 -40.41
N THR A 58 10.51 0.40 -39.79
CA THR A 58 9.80 0.28 -38.54
C THR A 58 10.69 -0.47 -37.54
N TYR A 59 10.51 -0.12 -36.26
CA TYR A 59 11.35 -0.58 -35.17
C TYR A 59 10.41 -0.92 -34.02
N TYR A 60 10.81 -1.92 -33.23
CA TYR A 60 9.95 -2.52 -32.23
C TYR A 60 10.78 -2.97 -31.03
N ALA A 61 10.31 -2.68 -29.83
CA ALA A 61 10.89 -3.28 -28.64
C ALA A 61 10.55 -4.77 -28.67
N ASP A 62 11.46 -5.59 -28.12
CA ASP A 62 11.30 -7.03 -28.22
C ASP A 62 9.96 -7.45 -27.61
N SER A 63 9.62 -6.85 -26.48
CA SER A 63 8.45 -7.26 -25.72
C SER A 63 7.14 -7.05 -26.49
N VAL A 64 7.20 -6.45 -27.69
CA VAL A 64 5.98 -6.23 -28.44
C VAL A 64 6.08 -6.72 -29.88
N LYS A 65 7.24 -7.26 -30.28
CA LYS A 65 7.40 -7.82 -31.62
C LYS A 65 6.32 -8.87 -31.87
N GLY A 66 5.72 -8.85 -33.07
CA GLY A 66 4.77 -9.85 -33.51
C GLY A 66 3.34 -9.51 -33.13
N ARG A 67 3.15 -8.48 -32.31
CA ARG A 67 1.85 -8.14 -31.77
C ARG A 67 1.43 -6.74 -32.22
N PHE A 68 2.36 -5.79 -32.13
CA PHE A 68 2.09 -4.40 -32.43
C PHE A 68 2.58 -4.06 -33.83
N THR A 69 1.80 -3.22 -34.54
CA THR A 69 2.22 -2.68 -35.82
C THR A 69 2.09 -1.15 -35.78
N ILE A 70 3.23 -0.48 -36.02
CA ILE A 70 3.26 0.96 -36.14
C ILE A 70 3.10 1.30 -37.61
N SER A 71 2.44 2.43 -37.90
CA SER A 71 2.26 2.89 -39.26
C SER A 71 1.90 4.38 -39.23
N ARG A 72 1.77 5.00 -40.41
CA ARG A 72 1.49 6.43 -40.48
C ARG A 72 0.83 6.77 -41.82
N ASP A 73 -0.08 7.74 -41.78
CA ASP A 73 -0.62 8.37 -42.98
C ASP A 73 -0.13 9.81 -43.02
N ASN A 74 0.78 10.11 -43.95
CA ASN A 74 1.40 11.42 -44.03
C ASN A 74 0.44 12.44 -44.63
N SER A 75 -0.54 11.96 -45.42
CA SER A 75 -1.56 12.84 -46.00
C SER A 75 -2.66 13.15 -44.99
N LYS A 76 -2.53 12.63 -43.76
CA LYS A 76 -3.49 12.93 -42.70
C LYS A 76 -2.77 13.35 -41.41
N ASN A 77 -1.46 13.60 -41.49
CA ASN A 77 -0.65 13.97 -40.34
C ASN A 77 -0.98 13.07 -39.14
N THR A 78 -1.06 11.75 -39.37
CA THR A 78 -1.47 10.86 -38.31
C THR A 78 -0.53 9.66 -38.18
N LEU A 79 -0.22 9.33 -36.92
CA LEU A 79 0.53 8.13 -36.55
C LEU A 79 -0.43 7.14 -35.91
N TYR A 80 -0.21 5.84 -36.15
CA TYR A 80 -1.06 4.78 -35.64
C TYR A 80 -0.22 3.74 -34.88
N LEU A 81 -0.89 2.99 -33.99
CA LEU A 81 -0.30 1.80 -33.38
C LEU A 81 -1.38 0.73 -33.19
N GLN A 82 -1.35 -0.28 -34.06
CA GLN A 82 -2.25 -1.43 -33.99
C GLN A 82 -1.72 -2.41 -32.95
N MET A 83 -2.48 -2.62 -31.88
CA MET A 83 -2.06 -3.44 -30.75
C MET A 83 -2.90 -4.71 -30.72
N ASN A 84 -2.29 -5.87 -30.96
CA ASN A 84 -3.01 -7.14 -30.92
C ASN A 84 -2.48 -8.00 -29.75
N SER A 85 -3.23 -9.07 -29.44
CA SER A 85 -2.87 -10.03 -28.40
C SER A 85 -2.45 -9.33 -27.13
N LEU A 86 -3.28 -8.38 -26.67
CA LEU A 86 -2.91 -7.52 -25.55
C LEU A 86 -2.85 -8.34 -24.28
N ARG A 87 -2.00 -7.91 -23.34
CA ARG A 87 -1.75 -8.63 -22.11
C ARG A 87 -1.80 -7.67 -20.92
N ALA A 88 -1.86 -8.24 -19.72
CA ALA A 88 -1.96 -7.48 -18.49
C ALA A 88 -0.88 -6.40 -18.46
N GLU A 89 0.36 -6.80 -18.75
CA GLU A 89 1.52 -5.96 -18.54
C GLU A 89 1.68 -4.94 -19.68
N ASP A 90 0.75 -4.93 -20.64
CA ASP A 90 0.72 -3.89 -21.66
C ASP A 90 -0.05 -2.67 -21.18
N THR A 91 -0.60 -2.75 -19.97
CA THR A 91 -1.38 -1.67 -19.38
C THR A 91 -0.45 -0.52 -19.02
N ALA A 92 -0.69 0.64 -19.63
CA ALA A 92 0.16 1.81 -19.41
C ALA A 92 -0.42 3.05 -20.11
N VAL A 93 0.18 4.20 -19.82
CA VAL A 93 -0.05 5.40 -20.60
C VAL A 93 0.82 5.32 -21.84
N TYR A 94 0.24 5.65 -23.00
CA TYR A 94 0.93 5.56 -24.28
C TYR A 94 1.10 6.97 -24.82
N TYR A 95 2.38 7.36 -24.95
CA TYR A 95 2.76 8.67 -25.42
C TYR A 95 3.27 8.56 -26.85
N CYS A 96 2.76 9.45 -27.70
CA CYS A 96 3.29 9.72 -29.01
C CYS A 96 4.48 10.67 -28.86
N ALA A 97 5.53 10.50 -29.67
CA ALA A 97 6.68 11.40 -29.61
C ALA A 97 7.27 11.63 -31.00
N ARG A 98 7.88 12.81 -31.19
CA ARG A 98 8.52 13.17 -32.44
C ARG A 98 10.03 13.25 -32.25
N GLY A 99 10.78 12.76 -33.24
CA GLY A 99 12.22 12.94 -33.30
C GLY A 99 12.63 14.24 -33.99
N SER A 100 13.90 14.31 -34.38
CA SER A 100 14.53 15.57 -34.77
C SER A 100 14.72 15.66 -36.28
N TYR A 101 14.88 16.90 -36.76
CA TYR A 101 14.86 17.23 -38.18
C TYR A 101 16.04 16.58 -38.89
N GLY A 102 15.77 15.90 -40.00
CA GLY A 102 16.83 15.33 -40.83
C GLY A 102 17.53 14.07 -40.28
N THR A 103 16.98 13.42 -39.25
CA THR A 103 17.56 12.18 -38.75
C THR A 103 16.66 10.99 -39.14
N TYR A 104 17.27 9.94 -39.71
CA TYR A 104 16.53 8.80 -40.21
C TYR A 104 15.71 8.18 -39.09
N TYR A 105 16.36 8.01 -37.93
CA TYR A 105 15.78 7.32 -36.78
C TYR A 105 14.91 8.25 -35.94
N GLY A 106 15.35 9.50 -35.79
CA GLY A 106 14.71 10.43 -34.87
C GLY A 106 15.63 10.81 -33.72
N ASN A 107 16.37 9.81 -33.23
CA ASN A 107 17.50 9.96 -32.31
C ASN A 107 17.01 10.19 -30.88
N TYR A 108 16.13 11.18 -30.67
CA TYR A 108 15.62 11.47 -29.33
C TYR A 108 14.15 11.86 -29.42
N PHE A 109 13.53 12.09 -28.26
CA PHE A 109 12.11 12.42 -28.19
C PHE A 109 11.95 13.91 -27.94
N GLU A 110 11.86 14.70 -29.02
CA GLU A 110 11.90 16.15 -28.88
C GLU A 110 10.58 16.63 -28.30
N TYR A 111 9.46 16.28 -28.97
CA TYR A 111 8.13 16.64 -28.54
C TYR A 111 7.31 15.41 -28.16
N TRP A 112 6.57 15.54 -27.05
CA TRP A 112 5.68 14.52 -26.54
C TRP A 112 4.23 15.02 -26.56
N GLY A 113 3.30 14.06 -26.64
CA GLY A 113 1.90 14.31 -26.38
C GLY A 113 1.57 14.11 -24.90
N GLN A 114 0.27 14.20 -24.57
CA GLN A 114 -0.18 14.11 -23.19
C GLN A 114 -0.45 12.65 -22.81
N GLY A 115 -0.60 11.80 -23.82
CA GLY A 115 -0.70 10.36 -23.58
C GLY A 115 -2.15 9.89 -23.55
N THR A 116 -2.33 8.58 -23.58
CA THR A 116 -3.65 7.97 -23.52
C THR A 116 -3.55 6.65 -22.77
N LEU A 117 -4.40 6.49 -21.75
CA LEU A 117 -4.34 5.31 -20.89
C LEU A 117 -4.94 4.12 -21.64
N VAL A 118 -4.16 3.04 -21.69
CA VAL A 118 -4.64 1.75 -22.15
C VAL A 118 -4.66 0.82 -20.95
N THR A 119 -5.85 0.26 -20.68
CA THR A 119 -6.06 -0.67 -19.57
C THR A 119 -6.47 -2.01 -20.16
N VAL A 120 -5.77 -3.08 -19.73
CA VAL A 120 -6.02 -4.43 -20.20
C VAL A 120 -6.43 -5.28 -19.00
N SER A 121 -7.73 -5.61 -18.94
CA SER A 121 -8.34 -6.26 -17.79
C SER A 121 -9.61 -6.99 -18.20
N SER A 122 -9.98 -8.05 -17.48
CA SER A 122 -11.23 -8.74 -17.72
C SER A 122 -12.39 -7.94 -17.12
N ALA A 123 -12.12 -7.19 -16.04
CA ALA A 123 -13.11 -6.35 -15.40
C ALA A 123 -13.80 -5.45 -16.43
N SER A 124 -15.07 -5.12 -16.16
CA SER A 124 -15.89 -4.42 -17.14
C SER A 124 -16.09 -2.96 -16.74
N THR A 125 -16.38 -2.13 -17.76
CA THR A 125 -16.62 -0.71 -17.58
C THR A 125 -17.75 -0.52 -16.56
N LYS A 126 -17.61 0.49 -15.68
CA LYS A 126 -18.72 0.91 -14.84
C LYS A 126 -18.77 2.44 -14.77
N GLY A 127 -19.91 3.01 -15.19
CA GLY A 127 -20.17 4.45 -15.09
C GLY A 127 -20.31 4.91 -13.65
N PRO A 128 -20.08 6.21 -13.35
CA PRO A 128 -20.10 6.70 -11.97
C PRO A 128 -21.47 7.20 -11.50
N SER A 129 -21.69 7.11 -10.19
CA SER A 129 -22.76 7.83 -9.52
C SER A 129 -22.21 9.18 -9.06
N VAL A 130 -22.85 10.27 -9.49
CA VAL A 130 -22.45 11.60 -9.07
C VAL A 130 -23.45 12.12 -8.05
N PHE A 131 -22.93 12.65 -6.93
CA PHE A 131 -23.74 13.21 -5.87
C PHE A 131 -23.24 14.60 -5.50
N PRO A 132 -24.12 15.53 -5.05
CA PRO A 132 -23.69 16.86 -4.67
C PRO A 132 -23.07 16.82 -3.28
N LEU A 133 -21.99 17.59 -3.10
CA LEU A 133 -21.47 17.90 -1.78
C LEU A 133 -21.88 19.31 -1.45
N ALA A 134 -23.06 19.44 -0.83
CA ALA A 134 -23.73 20.71 -0.62
C ALA A 134 -22.94 21.59 0.35
N PRO A 135 -22.91 22.92 0.11
CA PRO A 135 -22.15 23.85 0.94
C PRO A 135 -22.71 23.91 2.35
N SER A 136 -21.91 23.42 3.31
CA SER A 136 -22.20 23.55 4.72
C SER A 136 -21.99 25.00 5.14
N SER A 137 -23.07 25.68 5.54
CA SER A 137 -22.96 27.00 6.16
C SER A 137 -22.54 26.86 7.62
N LYS A 138 -22.60 25.61 8.13
CA LYS A 138 -22.01 25.26 9.42
C LYS A 138 -20.47 25.29 9.34
N SER A 139 -19.91 25.03 8.14
CA SER A 139 -18.47 25.04 7.93
C SER A 139 -18.09 26.00 6.80
N THR A 140 -17.95 27.29 7.14
CA THR A 140 -17.45 28.32 6.24
C THR A 140 -16.29 29.03 6.94
N SER A 141 -15.86 30.17 6.38
CA SER A 141 -14.92 31.07 7.05
C SER A 141 -15.41 32.52 6.93
N GLY A 142 -15.06 33.18 5.82
CA GLY A 142 -15.63 34.47 5.49
C GLY A 142 -16.76 34.31 4.47
N GLY A 143 -16.63 34.97 3.31
CA GLY A 143 -17.42 34.63 2.16
C GLY A 143 -17.15 33.20 1.71
N THR A 144 -15.90 32.74 1.90
CA THR A 144 -15.45 31.45 1.41
C THR A 144 -16.36 30.33 1.92
N ALA A 145 -16.84 29.49 0.99
CA ALA A 145 -17.64 28.32 1.28
C ALA A 145 -17.26 27.20 0.31
N ALA A 146 -17.10 25.98 0.84
CA ALA A 146 -16.68 24.83 0.06
C ALA A 146 -17.90 24.01 -0.37
N LEU A 147 -18.05 23.87 -1.70
CA LEU A 147 -19.02 22.94 -2.27
C LEU A 147 -18.34 22.08 -3.32
N GLY A 148 -18.93 20.91 -3.60
CA GLY A 148 -18.27 19.94 -4.46
C GLY A 148 -19.18 18.86 -5.02
N CYS A 149 -18.56 17.90 -5.71
CA CYS A 149 -19.24 16.74 -6.27
C CYS A 149 -18.48 15.48 -5.89
N LEU A 150 -19.23 14.44 -5.52
CA LEU A 150 -18.69 13.13 -5.27
C LEU A 150 -18.99 12.23 -6.48
N VAL A 151 -17.94 11.62 -7.03
CA VAL A 151 -18.04 10.79 -8.21
C VAL A 151 -17.70 9.36 -7.80
N LYS A 152 -18.73 8.52 -7.63
CA LYS A 152 -18.59 7.28 -6.89
C LYS A 152 -18.60 6.08 -7.85
N ASP A 153 -17.72 5.11 -7.54
CA ASP A 153 -17.83 3.73 -8.01
C ASP A 153 -17.81 3.65 -9.53
N TYR A 154 -16.65 3.97 -10.14
CA TYR A 154 -16.51 3.93 -11.58
C TYR A 154 -15.25 3.18 -11.95
N PHE A 155 -15.21 2.69 -13.19
CA PHE A 155 -14.06 1.97 -13.71
C PHE A 155 -14.13 1.93 -15.23
N PRO A 156 -13.00 2.01 -15.95
CA PRO A 156 -11.69 2.34 -15.36
C PRO A 156 -11.48 3.85 -15.25
N GLU A 157 -10.29 4.23 -14.77
CA GLU A 157 -9.77 5.59 -14.93
C GLU A 157 -9.75 5.89 -16.43
N PRO A 158 -9.92 7.14 -16.91
CA PRO A 158 -10.05 8.35 -16.09
C PRO A 158 -11.39 9.09 -16.10
N VAL A 159 -11.51 10.04 -15.17
CA VAL A 159 -12.64 10.94 -15.09
C VAL A 159 -12.11 12.39 -15.07
N THR A 160 -12.70 13.24 -15.90
CA THR A 160 -12.44 14.68 -15.86
C THR A 160 -13.61 15.37 -15.18
N VAL A 161 -13.32 16.49 -14.51
CA VAL A 161 -14.35 17.31 -13.90
C VAL A 161 -14.11 18.77 -14.26
N SER A 162 -15.17 19.48 -14.63
CA SER A 162 -15.11 20.93 -14.78
C SER A 162 -16.28 21.55 -14.01
N TRP A 163 -16.35 22.88 -14.00
CA TRP A 163 -17.44 23.58 -13.34
C TRP A 163 -17.98 24.68 -14.25
N ASN A 164 -19.31 24.73 -14.36
CA ASN A 164 -20.02 25.68 -15.22
C ASN A 164 -19.39 25.68 -16.61
N SER A 165 -19.18 24.47 -17.15
CA SER A 165 -18.55 24.27 -18.45
C SER A 165 -17.25 25.05 -18.57
N GLY A 166 -16.38 24.92 -17.56
CA GLY A 166 -15.04 25.48 -17.59
C GLY A 166 -14.99 26.99 -17.35
N ALA A 167 -16.12 27.61 -17.01
CA ALA A 167 -16.19 29.05 -16.77
C ALA A 167 -15.73 29.38 -15.35
N LEU A 168 -15.79 28.38 -14.45
CA LEU A 168 -15.36 28.55 -13.08
C LEU A 168 -14.11 27.71 -12.84
N THR A 169 -12.96 28.39 -12.74
CA THR A 169 -11.67 27.73 -12.63
C THR A 169 -10.98 28.05 -11.31
N SER A 170 -11.23 29.25 -10.76
CA SER A 170 -10.56 29.70 -9.55
C SER A 170 -11.10 28.95 -8.33
N GLY A 171 -10.17 28.47 -7.49
CA GLY A 171 -10.52 27.81 -6.23
C GLY A 171 -11.03 26.38 -6.42
N VAL A 172 -10.82 25.82 -7.62
CA VAL A 172 -11.25 24.47 -7.91
C VAL A 172 -10.12 23.53 -7.49
N HIS A 173 -10.49 22.42 -6.85
CA HIS A 173 -9.54 21.35 -6.57
C HIS A 173 -10.24 20.02 -6.82
N THR A 174 -9.80 19.33 -7.88
CA THR A 174 -10.25 17.99 -8.20
C THR A 174 -9.25 17.00 -7.63
N PHE A 175 -9.65 16.24 -6.61
CA PHE A 175 -8.71 15.35 -5.94
C PHE A 175 -8.49 14.12 -6.80
N PRO A 176 -7.29 13.48 -6.71
CA PRO A 176 -7.07 12.19 -7.36
C PRO A 176 -7.98 11.13 -6.72
N ALA A 177 -8.29 10.10 -7.52
CA ALA A 177 -9.27 9.10 -7.13
C ALA A 177 -8.66 8.09 -6.18
N VAL A 178 -9.50 7.49 -5.34
CA VAL A 178 -9.12 6.33 -4.55
C VAL A 178 -9.45 5.10 -5.40
N LEU A 179 -8.50 4.18 -5.47
CA LEU A 179 -8.79 2.80 -5.84
C LEU A 179 -9.28 2.09 -4.59
N GLN A 180 -10.55 1.67 -4.63
CA GLN A 180 -11.20 1.01 -3.50
C GLN A 180 -10.76 -0.45 -3.51
N SER A 181 -11.10 -1.17 -2.42
CA SER A 181 -10.81 -2.59 -2.33
C SER A 181 -11.96 -3.39 -2.95
N SER A 182 -12.46 -2.87 -4.06
CA SER A 182 -13.41 -3.58 -4.91
C SER A 182 -13.02 -3.40 -6.37
N GLY A 183 -11.91 -2.70 -6.62
CA GLY A 183 -11.44 -2.41 -7.96
C GLY A 183 -12.15 -1.20 -8.60
N LEU A 184 -12.92 -0.45 -7.80
CA LEU A 184 -13.67 0.70 -8.29
C LEU A 184 -13.01 1.99 -7.80
N TYR A 185 -13.09 3.02 -8.63
CA TYR A 185 -12.53 4.32 -8.29
C TYR A 185 -13.62 5.27 -7.79
N SER A 186 -13.24 6.13 -6.85
CA SER A 186 -14.05 7.28 -6.46
C SER A 186 -13.14 8.51 -6.34
N LEU A 187 -13.66 9.67 -6.74
CA LEU A 187 -12.96 10.92 -6.50
C LEU A 187 -13.98 12.02 -6.16
N SER A 188 -13.46 13.14 -5.68
CA SER A 188 -14.27 14.32 -5.37
C SER A 188 -13.64 15.55 -6.01
N SER A 189 -14.47 16.54 -6.34
CA SER A 189 -14.01 17.83 -6.82
C SER A 189 -14.70 18.95 -6.04
N VAL A 190 -13.93 19.97 -5.63
CA VAL A 190 -14.40 20.98 -4.71
C VAL A 190 -14.03 22.37 -5.21
N VAL A 191 -15.02 23.28 -5.19
CA VAL A 191 -14.77 24.70 -5.42
C VAL A 191 -14.95 25.45 -4.11
N THR A 192 -14.01 26.37 -3.82
CA THR A 192 -14.15 27.34 -2.76
C THR A 192 -14.66 28.64 -3.38
N VAL A 193 -15.71 29.23 -2.78
CA VAL A 193 -16.46 30.27 -3.44
C VAL A 193 -17.06 31.24 -2.41
N PRO A 194 -17.33 32.51 -2.77
CA PRO A 194 -18.14 33.42 -1.95
C PRO A 194 -19.53 32.94 -1.52
N SER A 195 -19.92 33.28 -0.29
CA SER A 195 -21.19 32.86 0.31
C SER A 195 -22.34 33.69 -0.24
N SER A 196 -22.02 34.92 -0.67
CA SER A 196 -23.01 35.86 -1.19
C SER A 196 -23.56 35.39 -2.53
N SER A 197 -22.80 34.52 -3.22
CA SER A 197 -23.15 34.07 -4.56
C SER A 197 -24.06 32.83 -4.53
N LEU A 198 -24.35 32.30 -3.33
CA LEU A 198 -25.12 31.06 -3.21
C LEU A 198 -26.53 31.21 -3.75
N GLY A 199 -27.26 32.26 -3.33
CA GLY A 199 -28.61 32.50 -3.82
C GLY A 199 -28.63 32.92 -5.28
N THR A 200 -27.52 33.51 -5.73
CA THR A 200 -27.38 34.11 -7.04
C THR A 200 -26.92 33.08 -8.06
N GLN A 201 -25.74 32.52 -7.80
CA GLN A 201 -24.93 31.85 -8.81
C GLN A 201 -25.26 30.37 -8.81
N THR A 202 -25.41 29.81 -10.02
CA THR A 202 -25.59 28.39 -10.21
C THR A 202 -24.23 27.70 -10.21
N TYR A 203 -24.14 26.57 -9.49
CA TYR A 203 -22.92 25.78 -9.46
C TYR A 203 -23.24 24.38 -9.97
N ILE A 204 -22.63 24.02 -11.10
CA ILE A 204 -22.80 22.73 -11.76
C ILE A 204 -21.42 22.15 -12.01
N CYS A 205 -21.19 20.94 -11.48
CA CYS A 205 -20.00 20.19 -11.87
C CYS A 205 -20.31 19.38 -13.13
N ASN A 206 -19.38 19.41 -14.08
CA ASN A 206 -19.47 18.65 -15.31
C ASN A 206 -18.53 17.45 -15.20
N VAL A 207 -19.10 16.26 -14.97
CA VAL A 207 -18.32 15.04 -14.88
C VAL A 207 -18.35 14.36 -16.24
N ASN A 208 -17.19 13.85 -16.67
CA ASN A 208 -17.08 13.12 -17.92
C ASN A 208 -16.30 11.84 -17.65
N HIS A 209 -16.89 10.71 -18.03
CA HIS A 209 -16.25 9.40 -17.97
C HIS A 209 -16.40 8.73 -19.32
N LYS A 210 -15.43 8.99 -20.22
CA LYS A 210 -15.48 8.49 -21.59
C LYS A 210 -15.61 6.97 -21.62
N PRO A 211 -14.86 6.20 -20.80
CA PRO A 211 -14.95 4.73 -20.85
C PRO A 211 -16.35 4.14 -20.79
N SER A 212 -17.31 4.85 -20.19
CA SER A 212 -18.70 4.41 -20.16
C SER A 212 -19.61 5.36 -20.93
N ASN A 213 -19.01 6.18 -21.82
CA ASN A 213 -19.76 7.15 -22.63
C ASN A 213 -20.81 7.84 -21.77
N THR A 214 -20.40 8.30 -20.58
CA THR A 214 -21.29 8.93 -19.64
C THR A 214 -20.79 10.33 -19.34
N LYS A 215 -21.72 11.29 -19.33
CA LYS A 215 -21.40 12.66 -18.98
C LYS A 215 -22.53 13.17 -18.09
N VAL A 216 -22.18 13.71 -16.92
CA VAL A 216 -23.17 14.15 -15.95
C VAL A 216 -22.90 15.60 -15.55
N ASP A 217 -23.94 16.41 -15.65
CA ASP A 217 -23.96 17.77 -15.12
C ASP A 217 -24.82 17.76 -13.86
N LYS A 218 -24.18 17.96 -12.71
CA LYS A 218 -24.87 17.89 -11.43
C LYS A 218 -24.94 19.29 -10.85
N ARG A 219 -26.16 19.75 -10.56
CA ARG A 219 -26.39 21.01 -9.89
C ARG A 219 -26.16 20.81 -8.39
N VAL A 220 -25.34 21.67 -7.80
CA VAL A 220 -25.09 21.65 -6.36
C VAL A 220 -25.77 22.85 -5.72
N GLU A 221 -26.68 22.59 -4.77
CA GLU A 221 -27.43 23.65 -4.11
C GLU A 221 -27.27 23.54 -2.60
N PRO A 222 -27.43 24.66 -1.85
CA PRO A 222 -27.39 24.65 -0.39
C PRO A 222 -28.38 23.68 0.25
N LYS A 223 -27.97 23.07 1.37
CA LYS A 223 -28.88 22.27 2.19
C LYS A 223 -30.06 23.15 2.58
N SER A 224 -31.27 22.75 2.16
CA SER A 224 -32.52 23.48 2.41
C SER A 224 -32.24 24.95 2.74
N SER B 1 20.66 -5.63 -25.20
CA SER B 1 22.00 -5.98 -24.70
C SER B 1 22.65 -4.79 -23.99
N TYR B 2 22.68 -3.63 -24.68
CA TYR B 2 23.19 -2.40 -24.08
C TYR B 2 22.15 -1.91 -23.05
N VAL B 3 22.62 -1.50 -21.87
CA VAL B 3 21.73 -1.14 -20.79
C VAL B 3 22.20 0.16 -20.14
N LEU B 4 21.23 0.93 -19.63
CA LEU B 4 21.47 2.17 -18.91
C LEU B 4 21.08 2.00 -17.45
N THR B 5 21.92 2.53 -16.55
CA THR B 5 21.72 2.46 -15.13
C THR B 5 21.71 3.86 -14.51
N GLN B 6 20.74 4.13 -13.64
CA GLN B 6 20.68 5.37 -12.88
C GLN B 6 20.56 5.07 -11.39
N PRO B 7 20.99 5.98 -10.50
CA PRO B 7 20.68 5.87 -9.09
C PRO B 7 19.19 6.17 -8.91
N PRO B 8 18.47 5.41 -8.06
CA PRO B 8 17.03 5.59 -7.91
C PRO B 8 16.64 6.96 -7.36
N SER B 9 17.43 7.49 -6.42
CA SER B 9 17.05 8.71 -5.72
C SER B 9 18.28 9.58 -5.44
N VAL B 10 18.04 10.89 -5.45
CA VAL B 10 19.06 11.89 -5.17
C VAL B 10 18.41 13.04 -4.38
N SER B 11 19.05 13.43 -3.28
CA SER B 11 18.59 14.53 -2.45
C SER B 11 19.52 15.74 -2.59
N VAL B 12 18.97 16.94 -2.45
CA VAL B 12 19.76 18.16 -2.53
C VAL B 12 19.06 19.26 -1.74
N ALA B 13 19.86 20.15 -1.15
CA ALA B 13 19.32 21.30 -0.43
C ALA B 13 19.04 22.43 -1.43
N PRO B 14 18.10 23.36 -1.14
CA PRO B 14 17.72 24.40 -2.10
C PRO B 14 18.82 25.43 -2.32
N GLY B 15 19.06 25.76 -3.60
CA GLY B 15 20.11 26.70 -3.97
C GLY B 15 21.45 26.02 -4.25
N LYS B 16 21.54 24.71 -4.02
CA LYS B 16 22.78 23.96 -4.23
C LYS B 16 22.75 23.33 -5.63
N THR B 17 23.60 22.33 -5.85
CA THR B 17 23.75 21.69 -7.15
C THR B 17 23.39 20.21 -7.03
N ALA B 18 22.50 19.76 -7.92
CA ALA B 18 22.11 18.36 -8.00
C ALA B 18 22.81 17.70 -9.17
N ARG B 19 23.30 16.47 -8.94
CA ARG B 19 23.98 15.69 -9.97
C ARG B 19 23.32 14.31 -10.07
N ILE B 20 22.79 14.02 -11.26
CA ILE B 20 22.12 12.76 -11.55
C ILE B 20 22.95 11.97 -12.56
N THR B 21 23.44 10.82 -12.11
CA THR B 21 24.33 9.95 -12.88
C THR B 21 23.51 9.14 -13.88
N CYS B 22 24.15 8.82 -15.02
CA CYS B 22 23.64 7.82 -15.95
C CYS B 22 24.81 6.96 -16.41
N GLY B 23 24.78 5.69 -16.01
CA GLY B 23 25.89 4.76 -16.25
C GLY B 23 25.61 3.84 -17.42
N GLY B 24 26.65 3.63 -18.23
CA GLY B 24 26.64 2.63 -19.29
C GLY B 24 28.04 2.41 -19.85
N ASP B 25 28.23 1.25 -20.50
CA ASP B 25 29.52 0.87 -21.05
C ASP B 25 29.91 1.88 -22.14
N ASN B 26 31.02 2.60 -21.91
CA ASN B 26 31.49 3.61 -22.84
C ASN B 26 30.28 4.42 -23.34
N ILE B 27 29.49 4.93 -22.39
CA ILE B 27 28.35 5.74 -22.74
C ILE B 27 28.83 7.02 -23.41
N GLY B 28 30.06 7.43 -23.08
CA GLY B 28 30.73 8.55 -23.74
C GLY B 28 30.66 8.47 -25.26
N GLY B 29 30.61 7.23 -25.78
CA GLY B 29 30.56 6.99 -27.22
C GLY B 29 29.18 7.21 -27.84
N LYS B 30 28.14 7.38 -27.01
CA LYS B 30 26.79 7.56 -27.53
C LYS B 30 26.24 8.90 -27.06
N SER B 31 25.34 9.47 -27.88
CA SER B 31 24.58 10.65 -27.50
C SER B 31 23.57 10.29 -26.41
N VAL B 32 23.65 11.02 -25.29
CA VAL B 32 22.73 10.87 -24.17
C VAL B 32 21.74 12.03 -24.18
N HIS B 33 20.49 11.74 -23.81
CA HIS B 33 19.45 12.75 -23.68
C HIS B 33 18.72 12.56 -22.35
N TRP B 34 18.05 13.63 -21.89
CA TRP B 34 17.51 13.71 -20.55
C TRP B 34 16.06 14.20 -20.57
N TYR B 35 15.22 13.55 -19.76
CA TYR B 35 13.82 13.92 -19.65
C TYR B 35 13.51 14.23 -18.19
N GLN B 36 12.70 15.28 -18.01
CA GLN B 36 12.07 15.62 -16.74
C GLN B 36 10.61 15.20 -16.78
N GLN B 37 10.17 14.47 -15.74
CA GLN B 37 8.76 14.13 -15.59
C GLN B 37 8.30 14.48 -14.18
N LYS B 38 7.45 15.51 -14.08
CA LYS B 38 6.85 15.88 -12.81
C LYS B 38 5.63 14.99 -12.57
N PRO B 39 5.28 14.68 -11.31
CA PRO B 39 4.14 13.80 -11.02
C PRO B 39 2.87 14.21 -11.77
N GLY B 40 2.31 13.28 -12.55
CA GLY B 40 1.06 13.50 -13.26
C GLY B 40 1.24 14.07 -14.67
N GLN B 41 2.44 14.58 -14.98
CA GLN B 41 2.69 15.23 -16.26
C GLN B 41 3.42 14.30 -17.22
N ALA B 42 3.35 14.65 -18.51
CA ALA B 42 4.14 13.98 -19.53
C ALA B 42 5.60 14.38 -19.37
N PRO B 43 6.58 13.54 -19.81
CA PRO B 43 7.98 13.94 -19.84
C PRO B 43 8.25 15.15 -20.74
N VAL B 44 9.31 15.90 -20.38
CA VAL B 44 9.78 17.05 -21.14
C VAL B 44 11.26 16.86 -21.44
N LEU B 45 11.67 17.13 -22.69
CA LEU B 45 13.08 17.07 -23.05
C LEU B 45 13.82 18.24 -22.41
N VAL B 46 14.82 17.90 -21.60
CA VAL B 46 15.57 18.86 -20.80
C VAL B 46 16.95 19.10 -21.41
N ILE B 47 17.60 18.02 -21.87
CA ILE B 47 18.90 18.12 -22.53
C ILE B 47 18.98 17.06 -23.63
N TYR B 48 19.65 17.42 -24.72
CA TYR B 48 19.85 16.50 -25.82
C TYR B 48 21.30 16.58 -26.30
N TYR B 49 21.77 15.48 -26.87
CA TYR B 49 23.15 15.33 -27.34
C TYR B 49 24.09 15.77 -26.22
N ASP B 50 23.89 15.21 -25.03
CA ASP B 50 24.83 15.27 -23.92
C ASP B 50 24.63 16.54 -23.10
N SER B 51 24.48 17.68 -23.79
CA SER B 51 24.68 18.99 -23.17
C SER B 51 23.91 20.11 -23.88
N ASP B 52 23.22 19.85 -25.00
CA ASP B 52 22.43 20.89 -25.62
C ASP B 52 21.14 21.08 -24.84
N ARG B 53 20.60 22.29 -24.92
CA ARG B 53 19.47 22.71 -24.11
C ARG B 53 18.37 23.20 -25.04
N PRO B 54 17.19 22.54 -25.03
CA PRO B 54 16.05 22.98 -25.84
C PRO B 54 15.66 24.43 -25.53
N SER B 55 15.18 25.11 -26.57
CA SER B 55 14.63 26.45 -26.43
C SER B 55 13.62 26.46 -25.28
N GLY B 56 13.85 27.32 -24.28
CA GLY B 56 12.87 27.56 -23.23
C GLY B 56 13.18 26.80 -21.93
N ILE B 57 14.34 26.12 -21.88
CA ILE B 57 14.77 25.42 -20.69
C ILE B 57 15.76 26.30 -19.93
N PRO B 58 15.60 26.47 -18.60
CA PRO B 58 16.51 27.31 -17.82
C PRO B 58 17.98 26.89 -17.90
N GLU B 59 18.88 27.85 -17.71
CA GLU B 59 20.31 27.63 -17.87
C GLU B 59 20.91 26.88 -16.69
N ARG B 60 20.15 26.70 -15.60
CA ARG B 60 20.59 25.93 -14.45
C ARG B 60 20.75 24.46 -14.83
N PHE B 61 20.15 24.07 -15.97
CA PHE B 61 20.25 22.72 -16.50
C PHE B 61 21.45 22.60 -17.43
N SER B 62 22.43 21.78 -17.05
CA SER B 62 23.53 21.43 -17.93
C SER B 62 23.75 19.92 -17.90
N GLY B 63 24.46 19.42 -18.93
CA GLY B 63 24.73 18.00 -19.05
C GLY B 63 26.15 17.74 -19.53
N SER B 64 26.67 16.56 -19.16
CA SER B 64 27.98 16.12 -19.62
C SER B 64 27.93 14.61 -19.89
N ASN B 65 28.97 14.11 -20.56
CA ASN B 65 29.05 12.71 -20.97
C ASN B 65 30.49 12.36 -21.35
N SER B 66 31.09 11.43 -20.62
CA SER B 66 32.37 10.85 -21.03
C SER B 66 32.66 9.59 -20.22
N GLY B 67 33.32 8.62 -20.86
CA GLY B 67 33.68 7.38 -20.20
C GLY B 67 32.46 6.50 -20.00
N ASN B 68 32.16 6.18 -18.73
CA ASN B 68 31.07 5.27 -18.40
C ASN B 68 29.94 6.02 -17.71
N THR B 69 30.05 7.34 -17.63
CA THR B 69 29.10 8.14 -16.87
C THR B 69 28.70 9.36 -17.68
N ALA B 70 27.37 9.55 -17.81
CA ALA B 70 26.80 10.81 -18.23
C ALA B 70 26.13 11.45 -17.02
N THR B 71 26.09 12.78 -17.01
CA THR B 71 25.72 13.51 -15.81
C THR B 71 24.82 14.69 -16.18
N LEU B 72 23.65 14.74 -15.55
CA LEU B 72 22.79 15.91 -15.60
C LEU B 72 23.05 16.74 -14.36
N THR B 73 23.22 18.05 -14.57
CA THR B 73 23.57 18.95 -13.50
C THR B 73 22.51 20.05 -13.41
N ILE B 74 21.96 20.22 -12.20
CA ILE B 74 20.97 21.25 -11.93
C ILE B 74 21.46 22.07 -10.75
N SER B 75 21.81 23.34 -11.03
CA SER B 75 22.30 24.26 -10.03
C SER B 75 21.15 25.12 -9.52
N ARG B 76 21.39 25.80 -8.40
CA ARG B 76 20.38 26.61 -7.73
C ARG B 76 19.04 25.90 -7.77
N VAL B 77 18.98 24.72 -7.13
CA VAL B 77 17.81 23.87 -7.15
C VAL B 77 16.66 24.60 -6.47
N GLU B 78 15.52 24.71 -7.17
CA GLU B 78 14.29 25.17 -6.57
C GLU B 78 13.34 23.98 -6.47
N ALA B 79 12.22 24.16 -5.75
CA ALA B 79 11.38 23.05 -5.32
C ALA B 79 10.62 22.46 -6.51
N GLY B 80 10.32 23.30 -7.51
CA GLY B 80 9.64 22.88 -8.72
C GLY B 80 10.44 21.84 -9.51
N ASP B 81 11.75 21.75 -9.24
CA ASP B 81 12.65 20.85 -9.94
C ASP B 81 12.52 19.43 -9.43
N GLU B 82 11.71 19.18 -8.39
CA GLU B 82 11.43 17.81 -7.98
C GLU B 82 10.70 17.10 -9.12
N ALA B 83 11.16 15.88 -9.43
CA ALA B 83 10.66 15.11 -10.56
C ALA B 83 11.40 13.78 -10.64
N ASP B 84 10.96 12.94 -11.58
CA ASP B 84 11.77 11.83 -12.06
C ASP B 84 12.52 12.28 -13.31
N TYR B 85 13.80 11.89 -13.37
CA TYR B 85 14.71 12.24 -14.45
C TYR B 85 15.22 10.95 -15.08
N TYR B 86 15.06 10.85 -16.41
CA TYR B 86 15.47 9.69 -17.17
C TYR B 86 16.53 10.07 -18.21
N CYS B 87 17.57 9.25 -18.30
CA CYS B 87 18.55 9.32 -19.39
C CYS B 87 18.12 8.37 -20.50
N GLN B 88 18.60 8.62 -21.73
CA GLN B 88 18.11 7.91 -22.89
C GLN B 88 19.13 7.92 -24.02
N VAL B 89 19.21 6.80 -24.72
CA VAL B 89 20.19 6.56 -25.76
C VAL B 89 19.49 5.86 -26.92
N LEU B 90 20.14 5.91 -28.09
CA LEU B 90 19.71 5.12 -29.23
C LEU B 90 20.79 4.11 -29.56
N ASP B 91 20.43 2.82 -29.50
CA ASP B 91 21.36 1.73 -29.78
C ASP B 91 21.07 1.19 -31.18
N ARG B 92 21.90 1.60 -32.15
CA ARG B 92 21.70 1.22 -33.53
C ARG B 92 22.18 -0.21 -33.76
N ARG B 93 22.84 -0.82 -32.76
CA ARG B 93 23.19 -2.23 -32.83
C ARG B 93 21.91 -3.07 -32.83
N SER B 94 21.02 -2.82 -31.87
CA SER B 94 19.78 -3.57 -31.75
C SER B 94 18.57 -2.80 -32.29
N ASP B 95 18.77 -1.53 -32.68
CA ASP B 95 17.70 -0.65 -33.13
C ASP B 95 16.64 -0.50 -32.03
N HIS B 96 17.12 -0.27 -30.79
CA HIS B 96 16.26 0.04 -29.66
C HIS B 96 16.57 1.44 -29.14
N TRP B 97 15.54 2.15 -28.67
CA TRP B 97 15.70 3.32 -27.82
C TRP B 97 15.67 2.86 -26.37
N LEU B 98 16.72 3.19 -25.59
CA LEU B 98 16.85 2.70 -24.23
C LEU B 98 16.64 3.84 -23.23
N PHE B 99 16.09 3.49 -22.06
CA PHE B 99 15.93 4.40 -20.96
C PHE B 99 16.65 3.85 -19.73
N GLY B 100 17.23 4.75 -18.94
CA GLY B 100 17.59 4.45 -17.56
C GLY B 100 16.35 4.24 -16.70
N GLY B 101 16.54 3.67 -15.51
CA GLY B 101 15.44 3.28 -14.64
C GLY B 101 14.78 4.48 -13.95
N GLY B 102 15.44 5.64 -14.01
CA GLY B 102 14.88 6.87 -13.49
C GLY B 102 15.52 7.25 -12.15
N THR B 103 15.55 8.56 -11.88
CA THR B 103 16.05 9.09 -10.61
C THR B 103 15.02 10.06 -10.04
N LYS B 104 14.60 9.83 -8.79
CA LYS B 104 13.71 10.77 -8.11
C LYS B 104 14.56 11.86 -7.47
N LEU B 105 14.34 13.12 -7.87
CA LEU B 105 15.00 14.24 -7.23
C LEU B 105 14.14 14.76 -6.09
N THR B 106 14.73 14.86 -4.89
CA THR B 106 14.04 15.35 -3.71
C THR B 106 14.78 16.57 -3.18
N VAL B 107 14.04 17.68 -3.01
CA VAL B 107 14.56 18.90 -2.43
C VAL B 107 14.32 18.87 -0.92
N LEU B 108 15.42 18.94 -0.14
CA LEU B 108 15.35 18.84 1.30
C LEU B 108 15.06 20.20 1.92
N GLY B 109 14.69 20.19 3.21
CA GLY B 109 14.52 21.38 4.03
C GLY B 109 13.45 22.33 3.51
N GLN B 110 12.35 21.77 2.98
CA GLN B 110 11.26 22.59 2.48
C GLN B 110 10.36 23.03 3.63
N PRO B 111 9.69 24.20 3.52
CA PRO B 111 8.88 24.74 4.60
C PRO B 111 7.65 23.86 4.87
N LYS B 112 7.53 23.39 6.11
CA LYS B 112 6.40 22.60 6.58
C LYS B 112 5.11 23.41 6.47
N ALA B 113 4.00 22.73 6.13
CA ALA B 113 2.71 23.36 5.93
C ALA B 113 1.61 22.43 6.43
N ALA B 114 0.71 22.97 7.26
CA ALA B 114 -0.31 22.17 7.90
C ALA B 114 -1.46 21.94 6.93
N PRO B 115 -2.12 20.77 6.99
CA PRO B 115 -3.25 20.48 6.09
C PRO B 115 -4.51 21.31 6.36
N SER B 116 -5.24 21.64 5.28
CA SER B 116 -6.64 22.04 5.37
C SER B 116 -7.51 20.80 5.27
N VAL B 117 -8.54 20.71 6.11
CA VAL B 117 -9.44 19.58 6.12
C VAL B 117 -10.88 20.06 5.93
N THR B 118 -11.55 19.50 4.92
CA THR B 118 -12.96 19.74 4.69
C THR B 118 -13.68 18.40 4.74
N LEU B 119 -14.66 18.28 5.65
CA LEU B 119 -15.39 17.04 5.81
C LEU B 119 -16.84 17.27 5.36
N PHE B 120 -17.33 16.37 4.49
CA PHE B 120 -18.67 16.47 3.97
C PHE B 120 -19.51 15.27 4.45
N PRO B 121 -20.78 15.51 4.87
CA PRO B 121 -21.70 14.43 5.20
C PRO B 121 -22.25 13.78 3.94
N PRO B 122 -22.92 12.61 4.05
CA PRO B 122 -23.66 12.05 2.91
C PRO B 122 -24.68 13.04 2.39
N SER B 123 -24.88 13.02 1.06
CA SER B 123 -25.93 13.82 0.45
C SER B 123 -27.29 13.20 0.74
N SER B 124 -28.34 14.03 0.74
CA SER B 124 -29.71 13.55 0.79
C SER B 124 -29.89 12.44 -0.24
N GLU B 125 -29.39 12.70 -1.45
CA GLU B 125 -29.62 11.86 -2.61
C GLU B 125 -28.99 10.49 -2.39
N GLU B 126 -27.76 10.46 -1.86
CA GLU B 126 -27.08 9.20 -1.63
C GLU B 126 -27.86 8.39 -0.60
N LEU B 127 -28.36 9.06 0.44
CA LEU B 127 -29.14 8.41 1.48
C LEU B 127 -30.39 7.78 0.85
N GLN B 128 -31.07 8.53 -0.03
CA GLN B 128 -32.29 8.08 -0.68
C GLN B 128 -32.01 6.83 -1.53
N ALA B 129 -30.74 6.61 -1.88
CA ALA B 129 -30.35 5.42 -2.62
C ALA B 129 -29.70 4.39 -1.70
N ASN B 130 -30.00 4.47 -0.40
CA ASN B 130 -29.65 3.43 0.57
C ASN B 130 -28.14 3.28 0.64
N LYS B 131 -27.41 4.40 0.62
CA LYS B 131 -25.97 4.43 0.83
C LYS B 131 -25.58 5.72 1.57
N ALA B 132 -24.35 5.74 2.08
CA ALA B 132 -23.84 6.89 2.82
C ALA B 132 -22.31 6.90 2.77
N THR B 133 -21.75 8.04 2.33
CA THR B 133 -20.30 8.21 2.22
C THR B 133 -19.90 9.54 2.87
N LEU B 134 -18.97 9.45 3.83
CA LEU B 134 -18.33 10.63 4.39
C LEU B 134 -17.02 10.90 3.65
N VAL B 135 -16.79 12.17 3.29
CA VAL B 135 -15.73 12.56 2.41
C VAL B 135 -14.83 13.57 3.11
N CYS B 136 -13.58 13.15 3.38
CA CYS B 136 -12.62 13.96 4.13
C CYS B 136 -11.49 14.37 3.20
N LEU B 137 -11.39 15.69 2.95
CA LEU B 137 -10.51 16.22 1.91
C LEU B 137 -9.40 17.06 2.54
N ILE B 138 -8.16 16.69 2.20
CA ILE B 138 -6.96 17.14 2.87
C ILE B 138 -6.03 17.79 1.83
N SER B 139 -5.76 19.09 1.97
CA SER B 139 -4.99 19.79 0.96
C SER B 139 -3.92 20.68 1.59
N ASP B 140 -2.99 21.15 0.74
CA ASP B 140 -2.00 22.16 1.05
C ASP B 140 -1.11 21.75 2.23
N PHE B 141 -0.67 20.48 2.27
CA PHE B 141 0.24 20.03 3.31
C PHE B 141 1.60 19.59 2.75
N TYR B 142 2.58 19.52 3.65
CA TYR B 142 3.96 19.16 3.36
C TYR B 142 4.68 18.97 4.69
N PRO B 143 5.46 17.87 4.90
CA PRO B 143 5.70 16.85 3.88
C PRO B 143 4.45 16.03 3.57
N GLY B 144 4.52 15.22 2.50
CA GLY B 144 3.37 14.46 2.02
C GLY B 144 3.21 13.15 2.76
N ALA B 145 2.77 13.21 4.01
CA ALA B 145 2.50 12.02 4.81
C ALA B 145 1.52 12.36 5.92
N VAL B 146 0.42 11.61 5.98
CA VAL B 146 -0.64 11.86 6.95
C VAL B 146 -1.23 10.53 7.41
N THR B 147 -1.88 10.58 8.58
CA THR B 147 -2.61 9.48 9.15
C THR B 147 -4.06 9.91 9.34
N VAL B 148 -4.99 9.11 8.80
CA VAL B 148 -6.40 9.38 8.95
C VAL B 148 -6.99 8.34 9.90
N ALA B 149 -7.82 8.80 10.83
CA ALA B 149 -8.57 7.93 11.72
C ALA B 149 -9.98 8.47 11.86
N TRP B 150 -10.96 7.59 11.70
CA TRP B 150 -12.36 7.97 11.79
C TRP B 150 -12.91 7.63 13.16
N LYS B 151 -13.93 8.39 13.58
CA LYS B 151 -14.58 8.18 14.86
C LYS B 151 -16.09 8.29 14.69
N ALA B 152 -16.82 7.35 15.32
CA ALA B 152 -18.27 7.44 15.44
C ALA B 152 -18.62 7.79 16.88
N ASP B 153 -19.14 9.01 17.07
CA ASP B 153 -19.16 9.64 18.38
C ASP B 153 -17.71 9.67 18.88
N SER B 154 -17.45 9.03 20.03
CA SER B 154 -16.12 9.01 20.61
C SER B 154 -15.33 7.78 20.13
N SER B 155 -16.03 6.76 19.63
CA SER B 155 -15.41 5.46 19.37
C SER B 155 -14.75 5.45 18.00
N PRO B 156 -13.61 4.73 17.82
CA PRO B 156 -12.95 4.62 16.53
C PRO B 156 -13.69 3.72 15.54
N VAL B 157 -13.63 4.09 14.26
CA VAL B 157 -14.20 3.30 13.17
C VAL B 157 -13.04 2.85 12.30
N LYS B 158 -13.04 1.56 11.93
CA LYS B 158 -11.98 1.01 11.08
C LYS B 158 -12.53 0.36 9.81
N ALA B 159 -13.84 0.12 9.75
CA ALA B 159 -14.46 -0.59 8.64
C ALA B 159 -14.95 0.39 7.58
N GLY B 160 -14.73 0.04 6.31
CA GLY B 160 -15.25 0.79 5.18
C GLY B 160 -14.51 2.13 4.99
N VAL B 161 -13.24 2.16 5.40
CA VAL B 161 -12.39 3.33 5.25
C VAL B 161 -11.47 3.11 4.06
N GLU B 162 -11.44 4.08 3.15
CA GLU B 162 -10.61 4.00 1.96
C GLU B 162 -9.90 5.34 1.82
N THR B 163 -8.56 5.31 1.88
CA THR B 163 -7.75 6.52 1.94
C THR B 163 -6.71 6.48 0.83
N THR B 164 -6.62 7.58 0.06
CA THR B 164 -5.64 7.65 -1.02
C THR B 164 -4.24 7.81 -0.44
N THR B 165 -3.24 7.60 -1.31
CA THR B 165 -1.90 8.03 -1.01
C THR B 165 -1.81 9.50 -1.38
N PRO B 166 -0.86 10.28 -0.80
CA PRO B 166 -0.71 11.70 -1.14
C PRO B 166 -0.21 11.95 -2.56
N SER B 167 -0.29 13.20 -3.03
CA SER B 167 0.17 13.55 -4.36
C SER B 167 0.40 15.06 -4.47
N LYS B 168 1.43 15.45 -5.24
CA LYS B 168 1.84 16.84 -5.39
C LYS B 168 0.74 17.66 -6.05
N GLN B 169 0.51 18.87 -5.54
CA GLN B 169 -0.34 19.87 -6.18
C GLN B 169 0.51 20.77 -7.08
N SER B 170 -0.13 21.76 -7.70
CA SER B 170 0.54 22.81 -8.44
C SER B 170 1.62 23.47 -7.58
N ASN B 171 1.22 23.85 -6.37
CA ASN B 171 2.04 24.66 -5.48
C ASN B 171 3.03 23.78 -4.70
N ASN B 172 3.30 22.57 -5.20
CA ASN B 172 4.33 21.70 -4.64
C ASN B 172 4.01 21.28 -3.21
N LYS B 173 2.75 21.48 -2.78
CA LYS B 173 2.26 20.89 -1.56
C LYS B 173 1.43 19.66 -1.95
N TYR B 174 1.03 18.87 -0.95
CA TYR B 174 0.40 17.58 -1.20
C TYR B 174 -1.10 17.64 -0.94
N ALA B 175 -1.79 16.61 -1.42
CA ALA B 175 -3.22 16.44 -1.22
C ALA B 175 -3.54 14.95 -1.05
N ALA B 176 -4.61 14.66 -0.31
CA ALA B 176 -5.10 13.30 -0.15
C ALA B 176 -6.59 13.35 0.15
N SER B 177 -7.23 12.16 0.18
CA SER B 177 -8.63 12.07 0.54
C SER B 177 -8.91 10.72 1.21
N SER B 178 -9.91 10.72 2.10
CA SER B 178 -10.37 9.51 2.75
C SER B 178 -11.89 9.46 2.73
N TYR B 179 -12.42 8.24 2.55
CA TYR B 179 -13.85 7.99 2.37
C TYR B 179 -14.30 6.94 3.38
N LEU B 180 -15.39 7.22 4.09
CA LEU B 180 -15.98 6.24 5.00
C LEU B 180 -17.38 5.90 4.54
N SER B 181 -17.62 4.59 4.32
CA SER B 181 -18.91 4.08 3.85
C SER B 181 -19.74 3.58 5.03
N LEU B 182 -20.95 4.10 5.16
CA LEU B 182 -21.89 3.67 6.19
C LEU B 182 -23.16 3.17 5.54
N THR B 183 -24.02 2.53 6.36
CA THR B 183 -25.43 2.41 6.05
C THR B 183 -26.11 3.70 6.47
N PRO B 184 -27.20 4.14 5.79
CA PRO B 184 -27.98 5.29 6.26
C PRO B 184 -28.42 5.16 7.72
N GLU B 185 -28.55 3.91 8.18
CA GLU B 185 -28.95 3.60 9.54
C GLU B 185 -27.83 4.01 10.50
N GLN B 186 -26.62 3.48 10.25
CA GLN B 186 -25.46 3.81 11.06
C GLN B 186 -25.31 5.33 11.17
N TRP B 187 -25.43 6.02 10.03
CA TRP B 187 -25.24 7.46 9.97
C TRP B 187 -26.22 8.18 10.89
N LYS B 188 -27.48 7.74 10.88
CA LYS B 188 -28.55 8.40 11.62
C LYS B 188 -28.52 7.99 13.09
N SER B 189 -28.01 6.79 13.39
CA SER B 189 -28.02 6.26 14.74
C SER B 189 -27.06 7.06 15.63
N HIS B 190 -25.80 7.21 15.20
CA HIS B 190 -24.78 7.89 15.98
C HIS B 190 -25.06 9.40 16.01
N ARG B 191 -24.48 10.07 17.02
CA ARG B 191 -24.73 11.49 17.24
C ARG B 191 -23.85 12.29 16.30
N SER B 192 -22.60 11.84 16.10
CA SER B 192 -21.68 12.50 15.18
C SER B 192 -20.62 11.52 14.68
N TYR B 193 -19.99 11.87 13.56
CA TYR B 193 -18.82 11.19 13.05
C TYR B 193 -17.70 12.22 12.86
N SER B 194 -16.45 11.77 13.02
CA SER B 194 -15.29 12.65 12.98
C SER B 194 -14.20 12.06 12.09
N CYS B 195 -13.44 12.96 11.45
CA CYS B 195 -12.28 12.61 10.66
C CYS B 195 -11.04 13.30 11.24
N GLN B 196 -10.10 12.51 11.73
CA GLN B 196 -8.90 13.02 12.39
C GLN B 196 -7.70 12.84 11.46
N VAL B 197 -7.16 13.97 11.01
CA VAL B 197 -5.95 13.98 10.20
C VAL B 197 -4.76 14.35 11.09
N THR B 198 -3.74 13.47 11.13
CA THR B 198 -2.51 13.71 11.87
C THR B 198 -1.39 14.05 10.90
N HIS B 199 -0.53 15.02 11.28
CA HIS B 199 0.54 15.49 10.41
C HIS B 199 1.67 16.07 11.28
N GLU B 200 2.83 15.40 11.27
CA GLU B 200 4.00 15.87 12.01
C GLU B 200 3.66 16.06 13.48
N GLY B 201 2.96 15.08 14.06
CA GLY B 201 2.71 15.06 15.49
C GLY B 201 1.44 15.82 15.91
N SER B 202 0.89 16.65 15.00
CA SER B 202 -0.29 17.45 15.29
C SER B 202 -1.52 16.89 14.57
N THR B 203 -2.68 17.00 15.23
CA THR B 203 -3.90 16.40 14.74
C THR B 203 -4.98 17.48 14.58
N VAL B 204 -5.69 17.42 13.45
CA VAL B 204 -6.84 18.27 13.18
C VAL B 204 -8.06 17.40 12.95
N GLU B 205 -9.18 17.77 13.59
CA GLU B 205 -10.39 16.97 13.55
C GLU B 205 -11.56 17.83 13.10
N LYS B 206 -12.31 17.31 12.12
CA LYS B 206 -13.58 17.91 11.72
C LYS B 206 -14.70 16.94 12.06
N THR B 207 -15.88 17.50 12.37
CA THR B 207 -17.01 16.70 12.83
C THR B 207 -18.28 17.09 12.07
N VAL B 208 -19.09 16.06 11.77
CA VAL B 208 -20.38 16.26 11.13
C VAL B 208 -21.41 15.40 11.85
N ALA B 209 -22.64 15.89 11.91
CA ALA B 209 -23.75 15.21 12.55
C ALA B 209 -25.02 15.38 11.73
N PRO B 210 -25.90 14.34 11.67
CA PRO B 210 -27.19 14.43 10.96
C PRO B 210 -28.00 15.70 11.22
N THR B 211 -28.14 16.51 10.16
CA THR B 211 -28.62 17.88 10.25
C THR B 211 -28.77 18.44 8.82
N SER C 1 40.83 -0.23 -59.74
CA SER C 1 39.62 0.58 -60.02
C SER C 1 39.52 1.67 -58.96
N GLU C 2 38.36 1.80 -58.29
CA GLU C 2 38.15 2.86 -57.32
C GLU C 2 36.90 2.50 -56.51
N VAL C 3 36.87 2.98 -55.25
CA VAL C 3 35.80 2.64 -54.31
C VAL C 3 34.48 3.17 -54.86
N GLU C 4 33.40 2.41 -54.64
CA GLU C 4 32.06 2.88 -55.00
C GLU C 4 31.00 2.18 -54.16
N TYR C 5 29.81 2.80 -54.14
CA TYR C 5 28.65 2.33 -53.39
C TYR C 5 27.53 2.09 -54.38
N ARG C 6 26.69 1.09 -54.10
CA ARG C 6 25.82 0.54 -55.11
C ARG C 6 24.43 0.26 -54.54
N ALA C 7 23.43 0.40 -55.41
CA ALA C 7 22.03 0.21 -55.07
C ALA C 7 21.23 0.01 -56.34
N GLU C 8 20.19 -0.84 -56.26
CA GLU C 8 19.20 -0.98 -57.33
C GLU C 8 18.11 0.08 -57.13
N VAL C 9 17.53 0.52 -58.26
CA VAL C 9 16.41 1.45 -58.24
C VAL C 9 15.37 0.92 -57.26
N GLY C 10 14.87 1.80 -56.39
CA GLY C 10 13.87 1.43 -55.41
C GLY C 10 14.45 1.32 -54.00
N GLN C 11 15.69 0.82 -53.89
CA GLN C 11 16.33 0.60 -52.60
C GLN C 11 16.81 1.93 -52.00
N ASN C 12 17.24 1.85 -50.75
CA ASN C 12 17.96 2.93 -50.08
C ASN C 12 19.45 2.81 -50.39
N ALA C 13 20.11 3.95 -50.58
CA ALA C 13 21.57 3.98 -50.69
C ALA C 13 22.19 4.35 -49.34
N TYR C 14 23.41 3.85 -49.12
CA TYR C 14 24.09 4.05 -47.86
C TYR C 14 25.51 4.53 -48.16
N LEU C 15 25.76 5.79 -47.85
CA LEU C 15 27.05 6.41 -48.09
C LEU C 15 27.69 6.70 -46.75
N PRO C 16 28.92 6.20 -46.51
CA PRO C 16 29.60 6.39 -45.24
C PRO C 16 30.36 7.71 -45.19
N CYS C 17 30.38 8.31 -44.00
CA CYS C 17 31.30 9.38 -43.72
C CYS C 17 31.48 9.51 -42.22
N PHE C 18 32.72 9.83 -41.81
CA PHE C 18 33.10 9.75 -40.41
C PHE C 18 34.17 10.76 -40.03
N TYR C 19 34.12 11.17 -38.76
CA TYR C 19 35.21 11.86 -38.09
C TYR C 19 35.30 11.32 -36.66
N THR C 20 36.47 11.48 -36.03
CA THR C 20 36.67 11.13 -34.64
C THR C 20 36.91 12.41 -33.84
N PRO C 21 36.04 12.77 -32.88
CA PRO C 21 36.20 13.98 -32.08
C PRO C 21 37.44 13.90 -31.18
N ALA C 22 38.60 14.24 -31.76
CA ALA C 22 39.88 14.22 -31.07
C ALA C 22 39.95 15.32 -30.02
N ALA C 23 39.10 16.35 -30.20
CA ALA C 23 38.77 17.28 -29.13
C ALA C 23 37.33 17.00 -28.69
N PRO C 24 37.09 16.05 -27.76
CA PRO C 24 35.74 15.71 -27.33
C PRO C 24 35.04 16.87 -26.61
N GLY C 25 33.75 16.68 -26.32
CA GLY C 25 32.93 17.75 -25.76
C GLY C 25 32.81 18.94 -26.70
N ASN C 26 32.80 18.65 -28.01
CA ASN C 26 32.82 19.68 -29.04
C ASN C 26 32.59 19.03 -30.40
N LEU C 27 31.62 19.56 -31.16
CA LEU C 27 31.30 19.06 -32.50
C LEU C 27 31.64 20.12 -33.54
N VAL C 28 31.78 19.66 -34.79
CA VAL C 28 32.03 20.53 -35.93
C VAL C 28 30.87 20.42 -36.92
N PRO C 29 30.58 21.49 -37.70
CA PRO C 29 29.56 21.45 -38.74
C PRO C 29 29.92 20.50 -39.88
N VAL C 30 28.90 20.03 -40.59
CA VAL C 30 29.06 19.06 -41.65
C VAL C 30 28.04 19.37 -42.74
N CYS C 31 28.33 18.97 -43.99
CA CYS C 31 27.38 19.10 -45.07
C CYS C 31 27.61 18.06 -46.15
N TRP C 32 26.52 17.53 -46.69
CA TRP C 32 26.53 16.70 -47.88
C TRP C 32 26.01 17.48 -49.08
N GLY C 33 26.51 17.14 -50.27
CA GLY C 33 26.03 17.73 -51.52
C GLY C 33 26.26 16.81 -52.71
N LYS C 34 25.65 17.15 -53.84
CA LYS C 34 25.84 16.42 -55.08
C LYS C 34 26.99 17.03 -55.87
N GLY C 35 27.76 16.16 -56.54
CA GLY C 35 28.97 16.54 -57.23
C GLY C 35 30.17 16.47 -56.30
N ALA C 36 31.36 16.29 -56.90
CA ALA C 36 32.62 16.25 -56.16
C ALA C 36 32.75 17.49 -55.28
N CYS C 37 33.48 17.35 -54.17
CA CYS C 37 33.71 18.45 -53.27
C CYS C 37 34.43 19.57 -54.00
N PRO C 38 33.86 20.78 -54.10
CA PRO C 38 34.57 21.93 -54.64
C PRO C 38 35.58 22.46 -53.62
N VAL C 39 36.25 23.55 -53.99
CA VAL C 39 37.27 24.15 -53.15
C VAL C 39 36.67 24.58 -51.81
N PHE C 40 35.40 25.00 -51.81
CA PHE C 40 34.76 25.55 -50.61
C PHE C 40 33.34 25.00 -50.50
N GLU C 41 32.95 24.52 -49.30
CA GLU C 41 31.63 23.96 -49.03
C GLU C 41 31.43 22.70 -49.88
N CYS C 42 30.19 22.18 -49.96
CA CYS C 42 29.86 21.12 -50.90
C CYS C 42 28.99 21.66 -52.04
N GLY C 43 28.84 20.83 -53.09
CA GLY C 43 28.12 21.18 -54.30
C GLY C 43 26.65 21.54 -54.02
N ASN C 44 25.73 21.04 -54.84
CA ASN C 44 24.31 21.24 -54.59
C ASN C 44 24.00 20.69 -53.20
N VAL C 45 24.06 21.54 -52.17
CA VAL C 45 23.88 21.08 -50.80
C VAL C 45 22.54 20.35 -50.73
N VAL C 46 22.52 19.21 -50.03
CA VAL C 46 21.29 18.47 -49.78
C VAL C 46 21.02 18.39 -48.28
N LEU C 47 22.08 18.32 -47.47
CA LEU C 47 21.91 18.23 -46.03
C LEU C 47 23.10 18.89 -45.33
N ARG C 48 22.81 19.68 -44.29
CA ARG C 48 23.83 20.42 -43.59
C ARG C 48 23.50 20.49 -42.11
N THR C 49 24.55 20.58 -41.28
CA THR C 49 24.39 20.87 -39.86
C THR C 49 25.19 22.11 -39.53
N ASP C 50 24.76 22.81 -38.47
CA ASP C 50 25.65 23.73 -37.76
C ASP C 50 26.41 22.91 -36.73
N GLU C 51 26.98 23.58 -35.73
CA GLU C 51 27.79 22.90 -34.74
C GLU C 51 26.91 22.18 -33.73
N ARG C 52 25.59 22.20 -33.92
CA ARG C 52 24.65 21.58 -33.00
C ARG C 52 23.77 20.54 -33.70
N ASP C 53 23.06 20.93 -34.78
CA ASP C 53 22.14 20.00 -35.43
C ASP C 53 21.78 20.47 -36.84
N VAL C 54 20.90 19.70 -37.50
CA VAL C 54 20.59 19.85 -38.90
C VAL C 54 19.86 21.18 -39.11
N ASN C 55 20.44 22.04 -39.94
CA ASN C 55 19.83 23.32 -40.27
C ASN C 55 19.48 23.39 -41.76
N TYR C 56 19.66 22.28 -42.49
CA TYR C 56 19.26 22.25 -43.89
C TYR C 56 19.05 20.81 -44.32
N TRP C 57 17.84 20.51 -44.81
CA TRP C 57 17.42 19.14 -45.08
C TRP C 57 16.67 19.08 -46.41
N THR C 58 16.77 17.92 -47.06
CA THR C 58 16.13 17.67 -48.33
C THR C 58 15.38 16.34 -48.23
N SER C 59 14.18 16.32 -48.81
CA SER C 59 13.39 15.11 -48.87
C SER C 59 14.22 13.98 -49.47
N ARG C 60 14.29 12.85 -48.74
CA ARG C 60 14.91 11.60 -49.15
C ARG C 60 16.31 11.44 -48.55
N TYR C 61 16.88 12.52 -47.99
CA TYR C 61 18.25 12.48 -47.49
C TYR C 61 18.25 12.57 -45.97
N TRP C 62 18.96 11.65 -45.32
CA TRP C 62 18.97 11.62 -43.86
C TRP C 62 20.35 11.24 -43.33
N LEU C 63 20.75 11.88 -42.23
CA LEU C 63 21.80 11.35 -41.37
C LEU C 63 21.24 10.14 -40.62
N ASN C 64 21.84 8.97 -40.85
CA ASN C 64 21.37 7.73 -40.26
C ASN C 64 22.18 7.33 -39.04
N GLY C 65 23.25 8.09 -38.72
CA GLY C 65 24.16 7.72 -37.65
C GLY C 65 24.20 8.76 -36.53
N ASP C 66 24.90 8.44 -35.44
CA ASP C 66 25.08 9.37 -34.34
C ASP C 66 26.13 10.41 -34.77
N PHE C 67 25.67 11.44 -35.51
CA PHE C 67 26.58 12.40 -36.14
C PHE C 67 27.30 13.23 -35.08
N ARG C 68 26.67 13.43 -33.92
CA ARG C 68 27.29 14.14 -32.82
C ARG C 68 28.46 13.35 -32.24
N LYS C 69 28.56 12.05 -32.57
CA LYS C 69 29.68 11.24 -32.14
C LYS C 69 30.50 10.78 -33.35
N GLY C 70 30.30 11.44 -34.49
CA GLY C 70 31.21 11.28 -35.61
C GLY C 70 30.69 10.34 -36.71
N ASP C 71 29.45 9.83 -36.59
CA ASP C 71 28.89 9.06 -37.69
C ASP C 71 27.99 9.95 -38.54
N VAL C 72 28.53 10.40 -39.68
CA VAL C 72 27.86 11.34 -40.54
C VAL C 72 27.41 10.63 -41.81
N SER C 73 27.20 9.31 -41.69
CA SER C 73 26.79 8.50 -42.82
C SER C 73 25.39 8.92 -43.25
N LEU C 74 25.10 8.73 -44.54
CA LEU C 74 23.90 9.27 -45.18
C LEU C 74 23.08 8.13 -45.76
N THR C 75 21.76 8.17 -45.54
CA THR C 75 20.82 7.34 -46.27
C THR C 75 20.13 8.17 -47.35
N ILE C 76 20.00 7.61 -48.56
CA ILE C 76 19.17 8.18 -49.61
C ILE C 76 18.04 7.21 -49.93
N GLU C 77 16.79 7.63 -49.69
CA GLU C 77 15.63 6.77 -49.89
C GLU C 77 15.22 6.68 -51.35
N ASN C 78 14.71 5.50 -51.72
CA ASN C 78 14.00 5.25 -52.97
C ASN C 78 14.76 5.89 -54.13
N VAL C 79 15.93 5.32 -54.41
CA VAL C 79 16.88 5.91 -55.35
C VAL C 79 16.41 5.68 -56.79
N THR C 80 16.79 6.60 -57.68
CA THR C 80 16.57 6.44 -59.11
C THR C 80 17.90 6.53 -59.84
N LEU C 81 17.88 6.23 -61.14
CA LEU C 81 19.07 6.32 -61.98
C LEU C 81 19.67 7.73 -61.90
N ALA C 82 18.81 8.74 -61.76
CA ALA C 82 19.26 10.12 -61.65
C ALA C 82 20.15 10.33 -60.44
N ASP C 83 20.05 9.45 -59.44
CA ASP C 83 20.81 9.63 -58.20
C ASP C 83 22.27 9.18 -58.39
N SER C 84 22.56 8.44 -59.47
CA SER C 84 23.94 8.07 -59.78
C SER C 84 24.81 9.32 -59.80
N GLY C 85 26.07 9.14 -59.41
CA GLY C 85 27.03 10.23 -59.44
C GLY C 85 27.83 10.32 -58.14
N ILE C 86 28.61 11.40 -58.04
CA ILE C 86 29.54 11.63 -56.95
C ILE C 86 28.87 12.52 -55.91
N TYR C 87 29.04 12.15 -54.63
CA TYR C 87 28.53 12.94 -53.54
C TYR C 87 29.69 13.43 -52.68
N CYS C 88 29.54 14.65 -52.14
CA CYS C 88 30.56 15.26 -51.30
C CYS C 88 30.08 15.29 -49.85
N CYS C 89 30.92 14.74 -48.97
CA CYS C 89 30.73 14.86 -47.54
C CYS C 89 31.88 15.69 -46.99
N ARG C 90 31.58 16.64 -46.12
CA ARG C 90 32.55 17.66 -45.75
C ARG C 90 32.44 17.98 -44.27
N ILE C 91 33.59 18.00 -43.60
CA ILE C 91 33.68 18.31 -42.18
C ILE C 91 34.40 19.64 -42.05
N GLN C 92 33.77 20.62 -41.39
CA GLN C 92 34.38 21.93 -41.17
C GLN C 92 35.27 21.87 -39.93
N ILE C 93 36.54 21.47 -40.14
CA ILE C 93 37.55 21.42 -39.10
C ILE C 93 38.19 22.79 -38.95
N PRO C 94 38.26 23.39 -37.73
CA PRO C 94 38.78 24.74 -37.55
C PRO C 94 40.30 24.76 -37.75
N GLY C 95 40.74 25.66 -38.66
CA GLY C 95 42.16 25.77 -39.01
C GLY C 95 42.35 26.08 -40.50
N ILE C 96 43.58 26.44 -40.86
CA ILE C 96 43.94 26.75 -42.24
C ILE C 96 43.76 25.47 -43.06
N MET C 97 43.02 25.58 -44.18
CA MET C 97 42.68 24.45 -45.02
C MET C 97 41.82 23.47 -44.22
N ASN C 98 42.48 22.54 -43.51
CA ASN C 98 41.85 21.63 -42.57
C ASN C 98 40.75 20.75 -43.19
N ASP C 99 39.68 21.38 -43.68
CA ASP C 99 38.43 20.72 -44.03
C ASP C 99 38.68 19.33 -44.58
N GLU C 100 38.14 18.31 -43.90
CA GLU C 100 38.13 16.95 -44.44
C GLU C 100 37.07 16.86 -45.53
N LYS C 101 37.51 16.49 -46.74
CA LYS C 101 36.64 16.38 -47.90
C LYS C 101 36.63 14.94 -48.40
N PHE C 102 35.44 14.38 -48.59
CA PHE C 102 35.27 12.99 -49.00
C PHE C 102 34.33 12.94 -50.20
N ASN C 103 34.82 12.39 -51.31
CA ASN C 103 33.98 12.15 -52.47
C ASN C 103 33.55 10.69 -52.48
N LEU C 104 32.24 10.46 -52.58
CA LEU C 104 31.72 9.10 -52.55
C LEU C 104 30.88 8.84 -53.80
N LYS C 105 31.26 7.79 -54.51
CA LYS C 105 30.68 7.43 -55.79
C LYS C 105 29.50 6.50 -55.57
N LEU C 106 28.32 6.92 -56.04
CA LEU C 106 27.12 6.08 -56.01
C LEU C 106 26.78 5.64 -57.43
N VAL C 107 26.61 4.33 -57.61
CA VAL C 107 26.24 3.75 -58.89
C VAL C 107 24.90 3.05 -58.72
N ILE C 108 23.89 3.52 -59.47
CA ILE C 108 22.55 2.97 -59.41
C ILE C 108 22.33 2.06 -60.63
N LYS C 109 21.87 0.82 -60.36
CA LYS C 109 21.59 -0.15 -61.40
C LYS C 109 20.07 -0.14 -61.67
N GLU D 1 -5.49 2.86 5.57
CA GLU D 1 -5.13 1.96 6.70
C GLU D 1 -5.35 0.51 6.24
N VAL D 2 -4.41 -0.36 6.64
CA VAL D 2 -4.53 -1.79 6.39
C VAL D 2 -5.62 -2.33 7.30
N GLN D 3 -6.45 -3.24 6.78
CA GLN D 3 -7.56 -3.79 7.54
C GLN D 3 -7.75 -5.27 7.21
N LEU D 4 -7.90 -6.08 8.26
CA LEU D 4 -8.12 -7.51 8.15
C LEU D 4 -9.29 -7.91 9.03
N LEU D 5 -10.36 -8.45 8.42
CA LEU D 5 -11.55 -8.82 9.16
C LEU D 5 -11.83 -10.31 8.95
N GLU D 6 -11.73 -11.09 10.03
CA GLU D 6 -12.07 -12.49 9.99
C GLU D 6 -13.58 -12.65 10.19
N SER D 7 -14.14 -13.71 9.60
CA SER D 7 -15.49 -14.17 9.88
C SER D 7 -15.58 -15.68 9.69
N GLY D 8 -16.70 -16.29 10.12
CA GLY D 8 -16.99 -17.69 9.84
C GLY D 8 -16.82 -18.60 11.05
N GLY D 9 -16.25 -18.08 12.14
CA GLY D 9 -16.06 -18.87 13.35
C GLY D 9 -17.38 -19.29 13.98
N GLY D 10 -17.30 -20.25 14.92
CA GLY D 10 -18.49 -20.71 15.63
C GLY D 10 -18.30 -22.11 16.22
N LEU D 11 -19.44 -22.74 16.56
CA LEU D 11 -19.46 -24.04 17.21
C LEU D 11 -19.51 -25.12 16.14
N VAL D 12 -18.83 -26.24 16.42
CA VAL D 12 -18.81 -27.40 15.55
C VAL D 12 -18.36 -28.61 16.38
N GLN D 13 -18.81 -29.81 15.99
CA GLN D 13 -18.50 -31.01 16.73
C GLN D 13 -17.19 -31.63 16.24
N PRO D 14 -16.49 -32.39 17.10
CA PRO D 14 -15.33 -33.18 16.66
C PRO D 14 -15.64 -33.95 15.40
N GLY D 15 -14.70 -33.90 14.44
CA GLY D 15 -14.87 -34.55 13.15
C GLY D 15 -15.50 -33.62 12.12
N GLY D 16 -16.16 -32.55 12.57
CA GLY D 16 -16.88 -31.65 11.68
C GLY D 16 -15.95 -30.67 10.94
N SER D 17 -16.53 -29.89 10.03
CA SER D 17 -15.77 -28.98 9.19
C SER D 17 -16.25 -27.54 9.40
N LEU D 18 -15.45 -26.59 8.92
CA LEU D 18 -15.73 -25.17 9.06
C LEU D 18 -14.84 -24.39 8.09
N ARG D 19 -15.28 -23.21 7.66
CA ARG D 19 -14.55 -22.41 6.70
C ARG D 19 -14.48 -20.96 7.18
N LEU D 20 -13.24 -20.50 7.47
CA LEU D 20 -13.01 -19.14 7.91
C LEU D 20 -12.75 -18.24 6.70
N SER D 21 -13.06 -16.95 6.87
CA SER D 21 -12.82 -15.95 5.84
C SER D 21 -12.10 -14.76 6.45
N CYS D 22 -11.29 -14.09 5.64
CA CYS D 22 -10.58 -12.89 6.04
C CYS D 22 -10.65 -11.89 4.90
N ALA D 23 -11.48 -10.86 5.06
CA ALA D 23 -11.55 -9.77 4.08
C ALA D 23 -10.40 -8.80 4.35
N ALA D 24 -9.67 -8.45 3.29
CA ALA D 24 -8.52 -7.56 3.39
C ALA D 24 -8.79 -6.28 2.60
N SER D 25 -8.25 -5.17 3.09
CA SER D 25 -8.41 -3.88 2.44
C SER D 25 -7.24 -2.98 2.80
N GLY D 26 -6.98 -2.00 1.92
CA GLY D 26 -6.01 -0.95 2.18
C GLY D 26 -4.60 -1.29 1.70
N PHE D 27 -4.49 -2.27 0.80
CA PHE D 27 -3.23 -2.65 0.19
C PHE D 27 -3.51 -3.58 -0.99
N THR D 28 -2.55 -3.72 -1.90
CA THR D 28 -2.71 -4.64 -3.02
C THR D 28 -2.57 -6.07 -2.49
N PHE D 29 -3.68 -6.81 -2.46
CA PHE D 29 -3.77 -8.05 -1.71
C PHE D 29 -2.81 -9.10 -2.26
N SER D 30 -2.73 -9.17 -3.60
CA SER D 30 -1.94 -10.17 -4.31
C SER D 30 -0.45 -10.00 -4.02
N SER D 31 -0.03 -8.79 -3.61
CA SER D 31 1.37 -8.46 -3.43
C SER D 31 1.94 -8.99 -2.11
N TYR D 32 1.10 -9.65 -1.29
CA TYR D 32 1.50 -10.00 0.06
C TYR D 32 1.12 -11.45 0.41
N ALA D 33 2.09 -12.18 0.94
CA ALA D 33 1.83 -13.47 1.58
C ALA D 33 0.93 -13.28 2.78
N MET D 34 -0.01 -14.21 2.97
CA MET D 34 -0.94 -14.19 4.10
C MET D 34 -0.72 -15.43 4.97
N SER D 35 -1.05 -15.31 6.26
CA SER D 35 -1.03 -16.43 7.20
C SER D 35 -2.33 -16.52 7.98
N TRP D 36 -2.49 -17.63 8.70
CA TRP D 36 -3.42 -17.76 9.81
C TRP D 36 -2.62 -18.13 11.06
N VAL D 37 -2.94 -17.48 12.18
CA VAL D 37 -2.35 -17.77 13.48
C VAL D 37 -3.50 -17.97 14.46
N ARG D 38 -3.32 -18.86 15.45
CA ARG D 38 -4.36 -19.16 16.40
C ARG D 38 -3.83 -19.14 17.84
N GLN D 39 -4.79 -19.08 18.77
CA GLN D 39 -4.49 -18.95 20.18
C GLN D 39 -5.66 -19.54 20.98
N ALA D 40 -5.42 -20.73 21.56
CA ALA D 40 -6.33 -21.34 22.50
C ALA D 40 -6.45 -20.42 23.72
N PRO D 41 -7.60 -20.41 24.43
CA PRO D 41 -7.80 -19.49 25.56
C PRO D 41 -6.75 -19.69 26.64
N GLY D 42 -6.08 -18.59 27.02
CA GLY D 42 -5.07 -18.60 28.07
C GLY D 42 -3.75 -19.21 27.62
N LYS D 43 -3.60 -19.50 26.33
CA LYS D 43 -2.43 -20.17 25.79
C LYS D 43 -1.65 -19.21 24.89
N GLY D 44 -0.53 -19.69 24.34
CA GLY D 44 0.32 -18.91 23.47
C GLY D 44 -0.19 -18.88 22.02
N LEU D 45 0.50 -18.08 21.20
CA LEU D 45 0.25 -18.02 19.77
C LEU D 45 0.83 -19.26 19.10
N GLU D 46 0.11 -19.77 18.09
CA GLU D 46 0.55 -20.91 17.32
C GLU D 46 0.25 -20.66 15.85
N TRP D 47 1.31 -20.54 15.03
CA TRP D 47 1.15 -20.42 13.59
C TRP D 47 0.51 -21.69 13.03
N VAL D 48 -0.34 -21.50 12.01
CA VAL D 48 -1.20 -22.55 11.49
C VAL D 48 -0.86 -22.83 10.04
N SER D 49 -1.05 -21.83 9.18
CA SER D 49 -0.95 -21.99 7.74
C SER D 49 -0.57 -20.66 7.09
N ALA D 50 0.07 -20.72 5.92
CA ALA D 50 0.44 -19.54 5.15
C ALA D 50 0.34 -19.87 3.67
N ILE D 51 0.25 -18.82 2.85
CA ILE D 51 0.09 -18.91 1.41
C ILE D 51 0.73 -17.69 0.74
N SER D 52 1.38 -17.91 -0.40
CA SER D 52 2.13 -16.85 -1.06
C SER D 52 1.16 -15.88 -1.73
N GLY D 53 1.68 -14.70 -2.10
CA GLY D 53 0.89 -13.67 -2.76
C GLY D 53 0.01 -14.25 -3.86
N SER D 54 0.62 -15.07 -4.72
CA SER D 54 -0.03 -15.60 -5.90
C SER D 54 -0.95 -16.78 -5.59
N GLY D 55 -0.76 -17.44 -4.44
CA GLY D 55 -1.44 -18.69 -4.14
C GLY D 55 -0.62 -19.91 -4.55
N GLY D 56 0.57 -19.71 -5.12
CA GLY D 56 1.36 -20.79 -5.69
C GLY D 56 1.90 -21.75 -4.65
N SER D 57 2.18 -21.24 -3.45
CA SER D 57 2.75 -22.05 -2.39
C SER D 57 1.85 -22.01 -1.17
N THR D 58 1.69 -23.18 -0.52
CA THR D 58 0.99 -23.26 0.74
C THR D 58 1.86 -23.98 1.76
N TYR D 59 1.68 -23.61 3.02
CA TYR D 59 2.50 -24.05 4.13
C TYR D 59 1.56 -24.34 5.29
N TYR D 60 1.93 -25.32 6.12
CA TYR D 60 1.06 -25.88 7.14
C TYR D 60 1.89 -26.31 8.34
N ALA D 61 1.40 -26.00 9.54
CA ALA D 61 1.99 -26.57 10.75
C ALA D 61 1.68 -28.07 10.75
N ASP D 62 2.59 -28.86 11.31
CA ASP D 62 2.45 -30.31 11.26
C ASP D 62 1.09 -30.73 11.81
N SER D 63 0.70 -30.13 12.93
CA SER D 63 -0.48 -30.55 13.68
C SER D 63 -1.76 -30.38 12.86
N VAL D 64 -1.67 -29.81 11.66
CA VAL D 64 -2.84 -29.45 10.89
C VAL D 64 -2.75 -29.99 9.45
N LYS D 65 -1.58 -30.54 9.06
CA LYS D 65 -1.41 -31.09 7.74
C LYS D 65 -2.46 -32.17 7.49
N GLY D 66 -3.03 -32.15 6.28
CA GLY D 66 -3.97 -33.17 5.85
C GLY D 66 -5.42 -32.86 6.23
N ARG D 67 -5.63 -31.80 7.02
CA ARG D 67 -6.94 -31.48 7.55
C ARG D 67 -7.39 -30.11 7.06
N PHE D 68 -6.48 -29.13 7.13
CA PHE D 68 -6.79 -27.75 6.78
C PHE D 68 -6.28 -27.44 5.37
N THR D 69 -7.04 -26.62 4.65
CA THR D 69 -6.59 -26.10 3.36
C THR D 69 -6.71 -24.57 3.38
N ILE D 70 -5.58 -23.91 3.18
CA ILE D 70 -5.53 -22.46 3.00
C ILE D 70 -5.66 -22.17 1.51
N SER D 71 -6.31 -21.05 1.18
CA SER D 71 -6.48 -20.63 -0.21
C SER D 71 -6.86 -19.16 -0.22
N ARG D 72 -6.99 -18.56 -1.42
CA ARG D 72 -7.26 -17.14 -1.53
C ARG D 72 -7.87 -16.78 -2.89
N ASP D 73 -8.76 -15.78 -2.89
CA ASP D 73 -9.27 -15.17 -4.11
C ASP D 73 -8.76 -13.74 -4.18
N ASN D 74 -7.83 -13.47 -5.11
CA ASN D 74 -7.18 -12.18 -5.20
C ASN D 74 -8.12 -11.15 -5.82
N SER D 75 -9.09 -11.62 -6.62
CA SER D 75 -10.06 -10.73 -7.24
C SER D 75 -11.17 -10.37 -6.24
N LYS D 76 -11.08 -10.87 -5.00
CA LYS D 76 -12.05 -10.54 -3.97
C LYS D 76 -11.36 -10.14 -2.67
N ASN D 77 -10.05 -9.90 -2.73
CA ASN D 77 -9.27 -9.53 -1.56
C ASN D 77 -9.63 -10.42 -0.37
N THR D 78 -9.74 -11.73 -0.59
CA THR D 78 -10.17 -12.62 0.49
C THR D 78 -9.24 -13.82 0.65
N LEU D 79 -8.93 -14.13 1.91
CA LEU D 79 -8.22 -15.32 2.33
C LEU D 79 -9.20 -16.29 2.98
N TYR D 80 -8.97 -17.59 2.79
CA TYR D 80 -9.85 -18.64 3.30
C TYR D 80 -9.04 -19.68 4.10
N LEU D 81 -9.72 -20.40 4.99
CA LEU D 81 -9.15 -21.57 5.64
C LEU D 81 -10.24 -22.64 5.84
N GLN D 82 -10.19 -23.67 4.99
CA GLN D 82 -11.09 -24.80 5.08
C GLN D 82 -10.57 -25.78 6.14
N MET D 83 -11.35 -25.96 7.21
CA MET D 83 -10.93 -26.77 8.35
C MET D 83 -11.77 -28.03 8.40
N ASN D 84 -11.16 -29.20 8.19
CA ASN D 84 -11.87 -30.47 8.25
C ASN D 84 -11.35 -31.29 9.42
N SER D 85 -12.09 -32.36 9.75
CA SER D 85 -11.73 -33.31 10.80
C SER D 85 -11.33 -32.58 12.08
N LEU D 86 -12.16 -31.61 12.50
CA LEU D 86 -11.82 -30.74 13.60
C LEU D 86 -11.76 -31.52 14.90
N ARG D 87 -10.93 -31.07 15.83
CA ARG D 87 -10.67 -31.76 17.08
C ARG D 87 -10.73 -30.78 18.25
N ALA D 88 -10.77 -31.33 19.46
CA ALA D 88 -10.89 -30.54 20.68
C ALA D 88 -9.87 -29.41 20.69
N GLU D 89 -8.61 -29.77 20.43
CA GLU D 89 -7.49 -28.88 20.65
C GLU D 89 -7.34 -27.88 19.51
N ASP D 90 -8.25 -27.93 18.51
CA ASP D 90 -8.29 -26.94 17.45
C ASP D 90 -9.11 -25.73 17.89
N THR D 91 -9.69 -25.78 19.10
CA THR D 91 -10.48 -24.70 19.64
C THR D 91 -9.56 -23.52 19.99
N ALA D 92 -9.81 -22.36 19.35
CA ALA D 92 -9.01 -21.18 19.57
C ALA D 92 -9.60 -19.97 18.83
N VAL D 93 -9.02 -18.80 19.10
CA VAL D 93 -9.23 -17.62 18.27
C VAL D 93 -8.31 -17.75 17.05
N TYR D 94 -8.87 -17.47 15.88
CA TYR D 94 -8.13 -17.58 14.63
C TYR D 94 -7.93 -16.18 14.06
N TYR D 95 -6.65 -15.80 13.93
CA TYR D 95 -6.26 -14.50 13.42
C TYR D 95 -5.71 -14.67 12.01
N CYS D 96 -6.16 -13.83 11.09
CA CYS D 96 -5.43 -13.71 9.84
C CYS D 96 -4.36 -12.64 10.00
N ALA D 97 -3.24 -12.80 9.28
CA ALA D 97 -2.13 -11.86 9.32
C ALA D 97 -1.52 -11.68 7.95
N ARG D 98 -0.91 -10.51 7.74
CA ARG D 98 -0.22 -10.21 6.48
C ARG D 98 1.28 -10.17 6.74
N GLY D 99 2.06 -10.70 5.79
CA GLY D 99 3.51 -10.52 5.79
C GLY D 99 3.94 -9.26 5.05
N SER D 100 5.25 -9.22 4.71
CA SER D 100 5.92 -8.00 4.30
C SER D 100 6.17 -7.95 2.79
N TYR D 101 6.43 -6.73 2.31
CA TYR D 101 6.49 -6.42 0.89
C TYR D 101 7.67 -7.17 0.26
N GLY D 102 7.43 -7.84 -0.86
CA GLY D 102 8.48 -8.43 -1.67
C GLY D 102 9.10 -9.72 -1.09
N THR D 103 8.48 -10.34 -0.07
CA THR D 103 9.01 -11.58 0.49
C THR D 103 8.09 -12.74 0.10
N TYR D 104 8.68 -13.83 -0.41
CA TYR D 104 7.91 -14.96 -0.92
C TYR D 104 7.03 -15.52 0.19
N TYR D 105 7.62 -15.69 1.38
CA TYR D 105 6.98 -16.32 2.53
C TYR D 105 6.12 -15.33 3.30
N GLY D 106 6.60 -14.08 3.43
CA GLY D 106 5.96 -13.10 4.30
C GLY D 106 6.84 -12.73 5.48
N ASN D 107 7.55 -13.74 6.02
CA ASN D 107 8.66 -13.59 6.97
C ASN D 107 8.17 -13.27 8.38
N TYR D 108 7.32 -12.25 8.54
CA TYR D 108 6.79 -11.90 9.86
C TYR D 108 5.32 -11.48 9.72
N PHE D 109 4.68 -11.22 10.87
CA PHE D 109 3.26 -10.88 10.91
C PHE D 109 3.11 -9.37 11.09
N GLU D 110 3.06 -8.63 9.97
CA GLU D 110 3.13 -7.18 10.04
C GLU D 110 1.81 -6.63 10.56
N TYR D 111 0.70 -6.98 9.90
CA TYR D 111 -0.64 -6.57 10.29
C TYR D 111 -1.51 -7.78 10.65
N TRP D 112 -2.31 -7.62 11.72
CA TRP D 112 -3.22 -8.65 12.23
C TRP D 112 -4.67 -8.20 12.16
N GLY D 113 -5.59 -9.16 12.14
CA GLY D 113 -7.00 -8.91 12.34
C GLY D 113 -7.39 -9.04 13.81
N GLN D 114 -8.68 -8.96 14.11
CA GLN D 114 -9.18 -9.01 15.47
C GLN D 114 -9.51 -10.45 15.86
N GLY D 115 -9.66 -11.33 14.87
CA GLY D 115 -9.78 -12.76 15.15
C GLY D 115 -11.22 -13.23 15.14
N THR D 116 -11.41 -14.56 15.16
CA THR D 116 -12.73 -15.18 15.18
C THR D 116 -12.66 -16.50 15.95
N LEU D 117 -13.57 -16.66 16.92
CA LEU D 117 -13.52 -17.80 17.82
C LEU D 117 -14.07 -19.05 17.11
N VAL D 118 -13.27 -20.11 17.13
CA VAL D 118 -13.72 -21.42 16.70
C VAL D 118 -13.75 -22.33 17.92
N THR D 119 -14.92 -22.91 18.20
CA THR D 119 -15.11 -23.79 19.34
C THR D 119 -15.51 -25.17 18.83
N VAL D 120 -14.79 -26.20 19.31
CA VAL D 120 -15.00 -27.57 18.88
C VAL D 120 -15.37 -28.39 20.10
N SER D 121 -16.65 -28.77 20.21
CA SER D 121 -17.15 -29.49 21.37
C SER D 121 -18.35 -30.36 21.01
N SER D 122 -18.54 -31.44 21.77
CA SER D 122 -19.73 -32.29 21.68
C SER D 122 -20.94 -31.55 22.25
N ALA D 123 -20.72 -30.79 23.32
CA ALA D 123 -21.75 -29.95 23.92
C ALA D 123 -22.43 -29.09 22.85
N SER D 124 -23.72 -28.82 23.05
CA SER D 124 -24.53 -28.17 22.03
C SER D 124 -24.84 -26.73 22.42
N THR D 125 -25.18 -25.91 21.42
CA THR D 125 -25.51 -24.51 21.63
C THR D 125 -26.65 -24.41 22.65
N LYS D 126 -26.55 -23.43 23.56
CA LYS D 126 -27.62 -23.17 24.52
C LYS D 126 -27.75 -21.67 24.73
N GLY D 127 -28.95 -21.15 24.44
CA GLY D 127 -29.27 -19.74 24.66
C GLY D 127 -29.37 -19.41 26.16
N PRO D 128 -29.20 -18.14 26.55
CA PRO D 128 -29.15 -17.75 27.96
C PRO D 128 -30.51 -17.40 28.57
N SER D 129 -30.62 -17.62 29.89
CA SER D 129 -31.70 -17.06 30.68
C SER D 129 -31.25 -15.70 31.23
N VAL D 130 -32.00 -14.64 30.93
CA VAL D 130 -31.66 -13.31 31.41
C VAL D 130 -32.61 -12.92 32.54
N PHE D 131 -32.03 -12.43 33.64
CA PHE D 131 -32.79 -12.02 34.81
C PHE D 131 -32.36 -10.62 35.24
N PRO D 132 -33.27 -9.79 35.80
CA PRO D 132 -32.92 -8.43 36.20
C PRO D 132 -32.18 -8.47 37.54
N LEU D 133 -31.16 -7.62 37.67
CA LEU D 133 -30.55 -7.35 38.96
C LEU D 133 -31.04 -5.98 39.41
N ALA D 134 -32.17 -5.99 40.14
CA ALA D 134 -32.86 -4.77 40.52
C ALA D 134 -32.03 -3.97 41.52
N PRO D 135 -32.07 -2.62 41.44
CA PRO D 135 -31.36 -1.77 42.38
C PRO D 135 -31.96 -1.92 43.79
N SER D 136 -31.19 -2.51 44.70
CA SER D 136 -31.72 -2.97 45.97
C SER D 136 -31.77 -1.80 46.97
N SER D 137 -32.61 -1.95 47.99
CA SER D 137 -32.65 -1.03 49.12
C SER D 137 -31.53 -1.38 50.11
N LYS D 138 -30.88 -2.53 49.87
CA LYS D 138 -29.90 -3.12 50.76
C LYS D 138 -28.61 -2.29 50.81
N SER D 139 -28.30 -1.57 49.72
CA SER D 139 -27.08 -0.78 49.65
C SER D 139 -27.07 0.12 48.42
N THR D 140 -27.66 1.32 48.56
CA THR D 140 -27.46 2.42 47.63
C THR D 140 -26.14 3.11 48.00
N SER D 141 -25.86 4.28 47.39
CA SER D 141 -24.72 5.10 47.78
C SER D 141 -25.06 6.59 47.86
N GLY D 142 -26.25 6.99 47.37
CA GLY D 142 -26.58 8.39 47.17
C GLY D 142 -26.36 8.79 45.72
N GLY D 143 -27.44 9.25 45.06
CA GLY D 143 -27.44 9.42 43.62
C GLY D 143 -27.14 8.09 42.91
N THR D 144 -25.87 7.71 42.94
CA THR D 144 -25.38 6.42 42.46
C THR D 144 -26.27 5.27 42.95
N ALA D 145 -26.74 4.47 41.99
CA ALA D 145 -27.44 3.22 42.26
C ALA D 145 -27.02 2.19 41.21
N ALA D 146 -26.66 0.99 41.69
CA ALA D 146 -26.19 -0.09 40.83
C ALA D 146 -27.36 -1.01 40.44
N LEU D 147 -27.63 -1.11 39.14
CA LEU D 147 -28.57 -2.09 38.60
C LEU D 147 -27.91 -2.83 37.44
N GLY D 148 -28.41 -4.04 37.13
CA GLY D 148 -27.76 -4.89 36.15
C GLY D 148 -28.64 -6.02 35.61
N CYS D 149 -28.00 -6.89 34.81
CA CYS D 149 -28.64 -8.08 34.27
C CYS D 149 -27.75 -9.29 34.50
N LEU D 150 -28.38 -10.41 34.89
CA LEU D 150 -27.70 -11.69 35.00
C LEU D 150 -28.04 -12.53 33.77
N VAL D 151 -27.01 -13.01 33.08
CA VAL D 151 -27.15 -13.80 31.86
C VAL D 151 -26.68 -15.21 32.17
N LYS D 152 -27.63 -16.14 32.35
CA LYS D 152 -27.34 -17.42 32.98
C LYS D 152 -27.34 -18.55 31.95
N ASP D 153 -26.39 -19.49 32.12
CA ASP D 153 -26.42 -20.82 31.54
C ASP D 153 -26.51 -20.78 30.01
N TYR D 154 -25.44 -20.31 29.36
CA TYR D 154 -25.38 -20.25 27.91
C TYR D 154 -24.10 -20.90 27.42
N PHE D 155 -24.11 -21.32 26.15
CA PHE D 155 -22.95 -21.92 25.51
C PHE D 155 -23.11 -21.86 23.99
N PRO D 156 -22.02 -21.66 23.22
CA PRO D 156 -20.71 -21.28 23.76
C PRO D 156 -20.59 -19.77 23.95
N GLU D 157 -19.39 -19.33 24.34
CA GLU D 157 -18.97 -17.95 24.25
C GLU D 157 -19.08 -17.53 22.77
N PRO D 158 -19.36 -16.26 22.39
CA PRO D 158 -19.51 -15.12 23.30
C PRO D 158 -20.88 -14.46 23.42
N VAL D 159 -21.00 -13.58 24.43
CA VAL D 159 -22.17 -12.76 24.64
C VAL D 159 -21.75 -11.29 24.72
N THR D 160 -22.44 -10.42 23.98
CA THR D 160 -22.29 -8.97 24.12
C THR D 160 -23.48 -8.43 24.92
N VAL D 161 -23.25 -7.33 25.65
CA VAL D 161 -24.34 -6.63 26.33
C VAL D 161 -24.23 -5.14 26.04
N SER D 162 -25.37 -4.50 25.76
CA SER D 162 -25.44 -3.06 25.70
C SER D 162 -26.59 -2.59 26.58
N TRP D 163 -26.77 -1.26 26.69
CA TRP D 163 -27.87 -0.70 27.45
C TRP D 163 -28.57 0.40 26.66
N ASN D 164 -29.91 0.35 26.66
CA ASN D 164 -30.75 1.29 25.94
C ASN D 164 -30.26 1.43 24.50
N SER D 165 -30.04 0.27 23.85
CA SER D 165 -29.55 0.21 22.48
C SER D 165 -28.30 1.06 22.30
N GLY D 166 -27.33 0.91 23.22
CA GLY D 166 -26.02 1.53 23.09
C GLY D 166 -26.01 3.02 23.43
N ALA D 167 -27.14 3.58 23.89
CA ALA D 167 -27.25 4.99 24.18
C ALA D 167 -26.72 5.30 25.58
N LEU D 168 -26.67 4.27 26.43
CA LEU D 168 -26.15 4.40 27.78
C LEU D 168 -24.84 3.64 27.90
N THR D 169 -23.73 4.39 27.97
CA THR D 169 -22.38 3.82 27.94
C THR D 169 -21.62 4.14 29.22
N SER D 170 -21.93 5.28 29.86
CA SER D 170 -21.22 5.72 31.05
C SER D 170 -21.62 4.85 32.25
N GLY D 171 -20.61 4.40 33.01
CA GLY D 171 -20.84 3.67 34.25
C GLY D 171 -21.22 2.22 34.04
N VAL D 172 -21.06 1.74 32.80
CA VAL D 172 -21.39 0.37 32.46
C VAL D 172 -20.17 -0.50 32.76
N HIS D 173 -20.41 -1.66 33.36
CA HIS D 173 -19.37 -2.67 33.53
C HIS D 173 -19.99 -4.03 33.23
N THR D 174 -19.57 -4.62 32.11
CA THR D 174 -19.94 -5.97 31.73
C THR D 174 -18.82 -6.90 32.17
N PHE D 175 -19.10 -7.77 33.15
CA PHE D 175 -18.06 -8.61 33.71
C PHE D 175 -17.80 -9.77 32.74
N PRO D 176 -16.58 -10.34 32.73
CA PRO D 176 -16.31 -11.57 32.00
C PRO D 176 -17.10 -12.72 32.64
N ALA D 177 -17.37 -13.74 31.81
CA ALA D 177 -18.25 -14.83 32.19
C ALA D 177 -17.49 -15.85 33.03
N VAL D 178 -18.22 -16.56 33.90
CA VAL D 178 -17.69 -17.72 34.59
C VAL D 178 -18.00 -18.94 33.72
N LEU D 179 -17.00 -19.80 33.54
CA LEU D 179 -17.21 -21.16 33.09
C LEU D 179 -17.57 -22.00 34.30
N GLN D 180 -18.80 -22.52 34.31
CA GLN D 180 -19.31 -23.34 35.40
C GLN D 180 -18.76 -24.76 35.25
N SER D 181 -18.97 -25.61 36.27
CA SER D 181 -18.50 -26.98 36.22
C SER D 181 -19.50 -27.88 35.48
N SER D 182 -20.30 -27.28 34.61
CA SER D 182 -21.24 -28.00 33.76
C SER D 182 -20.97 -27.67 32.30
N GLY D 183 -19.93 -26.86 32.04
CA GLY D 183 -19.59 -26.42 30.71
C GLY D 183 -20.43 -25.22 30.24
N LEU D 184 -21.20 -24.61 31.16
CA LEU D 184 -22.08 -23.50 30.81
C LEU D 184 -21.49 -22.19 31.34
N TYR D 185 -21.72 -21.10 30.59
CA TYR D 185 -21.23 -19.80 30.97
C TYR D 185 -22.34 -18.97 31.60
N SER D 186 -21.95 -18.13 32.57
CA SER D 186 -22.81 -17.07 33.09
C SER D 186 -21.98 -15.79 33.21
N LEU D 187 -22.60 -14.64 32.90
CA LEU D 187 -21.98 -13.36 33.18
C LEU D 187 -23.04 -12.37 33.68
N SER D 188 -22.57 -11.21 34.17
CA SER D 188 -23.42 -10.13 34.62
C SER D 188 -22.95 -8.82 34.01
N SER D 189 -23.88 -7.88 33.84
CA SER D 189 -23.55 -6.53 33.38
C SER D 189 -24.27 -5.52 34.28
N VAL D 190 -23.55 -4.45 34.67
CA VAL D 190 -24.03 -3.53 35.69
C VAL D 190 -23.81 -2.10 35.22
N VAL D 191 -24.86 -1.26 35.36
CA VAL D 191 -24.72 0.17 35.20
C VAL D 191 -24.88 0.83 36.57
N THR D 192 -23.98 1.79 36.85
CA THR D 192 -24.12 2.68 37.99
C THR D 192 -24.76 3.97 37.47
N VAL D 193 -25.81 4.44 38.15
CA VAL D 193 -26.67 5.45 37.57
C VAL D 193 -27.25 6.34 38.69
N PRO D 194 -27.58 7.62 38.39
CA PRO D 194 -28.35 8.48 39.30
C PRO D 194 -29.70 7.93 39.79
N SER D 195 -30.02 8.24 41.06
CA SER D 195 -31.24 7.78 41.69
C SER D 195 -32.43 8.64 41.25
N SER D 196 -32.17 9.87 40.77
CA SER D 196 -33.21 10.76 40.31
C SER D 196 -33.86 10.23 39.02
N SER D 197 -33.12 9.39 38.30
CA SER D 197 -33.56 8.86 37.01
C SER D 197 -34.36 7.57 37.17
N LEU D 198 -34.43 7.01 38.39
CA LEU D 198 -35.23 5.83 38.64
C LEU D 198 -36.70 6.22 38.52
N GLY D 199 -37.52 5.30 38.00
CA GLY D 199 -38.94 5.57 37.83
C GLY D 199 -39.21 6.54 36.68
N THR D 200 -38.22 7.40 36.39
CA THR D 200 -38.27 8.29 35.25
C THR D 200 -37.70 7.59 34.02
N GLN D 201 -36.42 7.18 34.14
CA GLN D 201 -35.67 6.62 33.03
C GLN D 201 -35.87 5.10 33.00
N THR D 202 -36.10 4.59 31.78
CA THR D 202 -36.19 3.16 31.55
C THR D 202 -34.78 2.61 31.37
N TYR D 203 -34.50 1.47 32.01
CA TYR D 203 -33.21 0.79 31.87
C TYR D 203 -33.44 -0.60 31.30
N ILE D 204 -32.89 -0.83 30.09
CA ILE D 204 -33.01 -2.09 29.37
C ILE D 204 -31.61 -2.55 28.98
N CYS D 205 -31.23 -3.75 29.40
CA CYS D 205 -30.02 -4.38 28.91
C CYS D 205 -30.35 -5.16 27.63
N ASN D 206 -29.50 -4.97 26.61
CA ASN D 206 -29.62 -5.66 25.34
C ASN D 206 -28.58 -6.78 25.30
N VAL D 207 -29.01 -8.02 25.52
CA VAL D 207 -28.13 -9.17 25.46
C VAL D 207 -28.19 -9.76 24.05
N ASN D 208 -27.02 -10.13 23.52
CA ASN D 208 -26.92 -10.76 22.22
C ASN D 208 -26.04 -11.98 22.34
N HIS D 209 -26.57 -13.14 21.90
CA HIS D 209 -25.85 -14.39 21.86
C HIS D 209 -26.03 -15.01 20.47
N LYS D 210 -25.14 -14.61 19.54
CA LYS D 210 -25.24 -15.02 18.15
C LYS D 210 -25.23 -16.54 18.02
N PRO D 211 -24.38 -17.30 18.74
CA PRO D 211 -24.36 -18.76 18.60
C PRO D 211 -25.71 -19.47 18.69
N SER D 212 -26.69 -18.89 19.40
CA SER D 212 -28.04 -19.44 19.47
C SER D 212 -29.05 -18.49 18.80
N ASN D 213 -28.58 -17.59 17.94
CA ASN D 213 -29.42 -16.62 17.27
C ASN D 213 -30.48 -16.07 18.22
N THR D 214 -30.03 -15.66 19.41
CA THR D 214 -30.91 -15.17 20.44
C THR D 214 -30.50 -13.74 20.81
N LYS D 215 -31.50 -12.88 20.96
CA LYS D 215 -31.28 -11.51 21.38
C LYS D 215 -32.37 -11.17 22.40
N VAL D 216 -31.97 -10.71 23.59
CA VAL D 216 -32.93 -10.43 24.65
C VAL D 216 -32.77 -8.99 25.13
N ASP D 217 -33.90 -8.27 25.16
CA ASP D 217 -34.00 -6.96 25.78
C ASP D 217 -34.75 -7.11 27.10
N LYS D 218 -34.05 -6.93 28.22
CA LYS D 218 -34.64 -7.12 29.52
C LYS D 218 -34.78 -5.77 30.21
N ARG D 219 -36.01 -5.44 30.61
CA ARG D 219 -36.30 -4.23 31.37
C ARG D 219 -35.95 -4.49 32.83
N VAL D 220 -35.16 -3.59 33.42
CA VAL D 220 -34.81 -3.68 34.84
C VAL D 220 -35.55 -2.56 35.57
N GLU D 221 -36.38 -2.93 36.55
CA GLU D 221 -37.23 -1.98 37.26
C GLU D 221 -37.00 -2.11 38.77
N PRO D 222 -37.26 -1.03 39.54
CA PRO D 222 -37.03 -1.02 40.99
C PRO D 222 -37.70 -2.17 41.73
N LYS D 223 -37.01 -2.66 42.77
CA LYS D 223 -37.46 -3.82 43.53
C LYS D 223 -38.86 -3.55 44.08
N SER D 224 -39.63 -4.64 44.24
CA SER D 224 -41.06 -4.60 44.58
C SER D 224 -41.45 -3.25 45.23
N SER E 1 10.65 -29.05 16.76
CA SER E 1 12.00 -29.16 16.15
C SER E 1 12.91 -28.06 16.73
N TYR E 2 13.07 -26.94 16.00
CA TYR E 2 13.77 -25.78 16.54
C TYR E 2 12.86 -25.12 17.56
N VAL E 3 13.42 -24.74 18.72
CA VAL E 3 12.61 -24.34 19.86
C VAL E 3 13.03 -22.95 20.32
N LEU E 4 12.01 -22.13 20.64
CA LEU E 4 12.21 -20.79 21.17
C LEU E 4 11.82 -20.77 22.64
N THR E 5 12.72 -20.26 23.48
CA THR E 5 12.54 -20.31 24.92
C THR E 5 12.47 -18.91 25.51
N GLN E 6 11.39 -18.65 26.24
CA GLN E 6 11.18 -17.38 26.92
C GLN E 6 10.91 -17.64 28.39
N PRO E 7 11.27 -16.70 29.30
CA PRO E 7 10.82 -16.78 30.68
C PRO E 7 9.32 -16.48 30.69
N PRO E 8 8.50 -17.22 31.48
CA PRO E 8 7.07 -16.95 31.55
C PRO E 8 6.73 -15.55 32.07
N SER E 9 7.52 -15.07 33.04
CA SER E 9 7.19 -13.82 33.71
C SER E 9 8.44 -12.96 33.93
N VAL E 10 8.24 -11.64 33.83
CA VAL E 10 9.28 -10.67 34.13
C VAL E 10 8.62 -9.47 34.83
N SER E 11 9.17 -9.09 35.99
CA SER E 11 8.70 -7.95 36.75
C SER E 11 9.76 -6.86 36.75
N VAL E 12 9.32 -5.60 36.73
CA VAL E 12 10.24 -4.47 36.63
C VAL E 12 9.57 -3.22 37.19
N ALA E 13 10.40 -2.32 37.75
CA ALA E 13 9.94 -1.10 38.40
C ALA E 13 9.74 0.00 37.37
N PRO E 14 8.82 0.97 37.61
CA PRO E 14 8.48 1.99 36.63
C PRO E 14 9.63 2.98 36.41
N GLY E 15 9.90 3.29 35.14
CA GLY E 15 10.97 4.22 34.77
C GLY E 15 12.30 3.51 34.52
N LYS E 16 12.37 2.21 34.80
CA LYS E 16 13.60 1.44 34.63
C LYS E 16 13.60 0.78 33.26
N THR E 17 14.43 -0.25 33.09
CA THR E 17 14.58 -0.93 31.81
C THR E 17 14.20 -2.41 31.98
N ALA E 18 13.30 -2.88 31.11
CA ALA E 18 12.85 -4.26 31.14
C ALA E 18 13.48 -5.03 29.99
N ARG E 19 13.89 -6.28 30.29
CA ARG E 19 14.55 -7.14 29.32
C ARG E 19 13.86 -8.51 29.27
N ILE E 20 13.40 -8.86 28.06
CA ILE E 20 12.75 -10.14 27.81
C ILE E 20 13.64 -10.97 26.87
N THR E 21 14.13 -12.10 27.39
CA THR E 21 15.03 -12.96 26.63
C THR E 21 14.23 -13.84 25.67
N CYS E 22 14.87 -14.21 24.54
CA CYS E 22 14.39 -15.25 23.66
C CYS E 22 15.56 -16.14 23.24
N GLY E 23 15.53 -17.40 23.71
CA GLY E 23 16.67 -18.30 23.58
C GLY E 23 16.46 -19.34 22.49
N GLY E 24 17.49 -19.57 21.67
CA GLY E 24 17.49 -20.61 20.65
C GLY E 24 18.89 -20.86 20.11
N ASP E 25 19.11 -22.05 19.55
CA ASP E 25 20.41 -22.41 19.01
C ASP E 25 20.78 -21.48 17.87
N ASN E 26 21.88 -20.74 18.05
CA ASN E 26 22.35 -19.77 17.09
C ASN E 26 21.15 -18.99 16.53
N ILE E 27 20.34 -18.45 17.45
CA ILE E 27 19.21 -17.64 17.06
C ILE E 27 19.73 -16.39 16.34
N GLY E 28 20.94 -15.98 16.70
CA GLY E 28 21.65 -14.89 16.02
C GLY E 28 21.63 -15.02 14.50
N GLY E 29 21.58 -16.28 14.02
CA GLY E 29 21.56 -16.56 12.59
C GLY E 29 20.21 -16.34 11.93
N LYS E 30 19.15 -16.12 12.72
CA LYS E 30 17.80 -15.98 12.18
C LYS E 30 17.24 -14.63 12.57
N SER E 31 16.36 -14.09 11.72
CA SER E 31 15.63 -12.87 12.04
C SER E 31 14.59 -13.15 13.13
N VAL E 32 14.65 -12.39 14.21
CA VAL E 32 13.70 -12.48 15.31
C VAL E 32 12.72 -11.30 15.23
N HIS E 33 11.44 -11.56 15.56
CA HIS E 33 10.42 -10.54 15.62
C HIS E 33 9.65 -10.66 16.94
N TRP E 34 9.00 -9.55 17.34
CA TRP E 34 8.42 -9.42 18.66
C TRP E 34 6.98 -8.90 18.57
N TYR E 35 6.09 -9.50 19.36
CA TYR E 35 4.69 -9.09 19.38
C TYR E 35 4.29 -8.71 20.81
N GLN E 36 3.49 -7.63 20.90
CA GLN E 36 2.83 -7.21 22.13
C GLN E 36 1.35 -7.60 22.04
N GLN E 37 0.85 -8.26 23.10
CA GLN E 37 -0.57 -8.56 23.22
C GLN E 37 -1.07 -8.13 24.59
N LYS E 38 -1.91 -7.09 24.61
CA LYS E 38 -2.57 -6.66 25.82
C LYS E 38 -3.83 -7.52 26.01
N PRO E 39 -4.25 -7.80 27.27
CA PRO E 39 -5.39 -8.68 27.53
C PRO E 39 -6.62 -8.31 26.70
N GLY E 40 -7.11 -9.29 25.93
CA GLY E 40 -8.34 -9.14 25.17
C GLY E 40 -8.13 -8.60 23.76
N GLN E 41 -6.94 -8.07 23.47
CA GLN E 41 -6.65 -7.49 22.18
C GLN E 41 -5.87 -8.48 21.32
N ALA E 42 -5.87 -8.21 20.00
CA ALA E 42 -5.04 -8.94 19.06
C ALA E 42 -3.59 -8.50 19.27
N PRO E 43 -2.59 -9.36 18.92
CA PRO E 43 -1.19 -8.96 18.92
C PRO E 43 -0.87 -7.79 18.00
N VAL E 44 0.19 -7.04 18.36
CA VAL E 44 0.71 -5.94 17.58
C VAL E 44 2.20 -6.18 17.37
N LEU E 45 2.69 -5.94 16.15
CA LEU E 45 4.11 -6.05 15.87
C LEU E 45 4.85 -4.87 16.51
N VAL E 46 5.82 -5.20 17.37
CA VAL E 46 6.56 -4.23 18.15
C VAL E 46 7.96 -4.05 17.56
N ILE E 47 8.60 -5.16 17.18
CA ILE E 47 9.92 -5.12 16.55
C ILE E 47 10.02 -6.22 15.49
N TYR E 48 10.72 -5.90 14.40
CA TYR E 48 10.95 -6.86 13.34
C TYR E 48 12.41 -6.82 12.90
N TYR E 49 12.87 -7.97 12.39
CA TYR E 49 14.25 -8.14 11.98
C TYR E 49 15.17 -7.68 13.10
N ASP E 50 14.93 -8.19 14.30
CA ASP E 50 15.85 -8.10 15.44
C ASP E 50 15.65 -6.81 16.20
N SER E 51 15.55 -5.67 15.47
CA SER E 51 15.71 -4.35 16.05
C SER E 51 14.98 -3.24 15.28
N ASP E 52 14.34 -3.55 14.16
CA ASP E 52 13.57 -2.52 13.46
C ASP E 52 12.26 -2.28 14.19
N ARG E 53 11.74 -1.07 14.04
CA ARG E 53 10.61 -0.60 14.81
C ARG E 53 9.53 -0.12 13.84
N PRO E 54 8.33 -0.76 13.84
CA PRO E 54 7.24 -0.32 12.98
C PRO E 54 6.87 1.14 13.20
N SER E 55 6.42 1.77 12.12
CA SER E 55 5.79 3.08 12.17
C SER E 55 4.79 3.13 13.32
N GLY E 56 5.01 4.06 14.26
CA GLY E 56 4.03 4.36 15.29
C GLY E 56 4.34 3.72 16.63
N ILE E 57 5.48 3.03 16.73
CA ILE E 57 5.87 2.36 17.96
C ILE E 57 6.86 3.25 18.71
N PRO E 58 6.69 3.47 20.03
CA PRO E 58 7.58 4.34 20.79
C PRO E 58 9.04 3.89 20.77
N GLU E 59 9.96 4.86 20.94
CA GLU E 59 11.38 4.62 20.79
C GLU E 59 11.96 3.87 21.98
N ARG E 60 11.20 3.76 23.08
CA ARG E 60 11.73 3.05 24.24
C ARG E 60 11.73 1.54 23.97
N PHE E 61 11.12 1.12 22.85
CA PHE E 61 11.19 -0.26 22.39
C PHE E 61 12.40 -0.46 21.47
N SER E 62 13.35 -1.29 21.93
CA SER E 62 14.48 -1.69 21.10
C SER E 62 14.68 -3.21 21.21
N GLY E 63 15.42 -3.76 20.24
CA GLY E 63 15.68 -5.19 20.21
C GLY E 63 17.11 -5.51 19.77
N SER E 64 17.58 -6.68 20.20
CA SER E 64 18.89 -7.17 19.79
C SER E 64 18.83 -8.68 19.57
N ASN E 65 19.87 -9.20 18.91
CA ASN E 65 19.95 -10.62 18.58
C ASN E 65 21.38 -11.00 18.22
N SER E 66 21.97 -11.91 19.00
CA SER E 66 23.26 -12.50 18.63
C SER E 66 23.53 -13.72 19.50
N GLY E 67 24.20 -14.71 18.91
CA GLY E 67 24.53 -15.93 19.62
C GLY E 67 23.29 -16.79 19.83
N ASN E 68 22.98 -17.05 21.11
CA ASN E 68 21.90 -17.95 21.46
C ASN E 68 20.76 -17.17 22.11
N THR E 69 20.84 -15.85 22.13
CA THR E 69 19.89 -15.03 22.84
C THR E 69 19.49 -13.84 21.98
N ALA E 70 18.18 -13.64 21.81
CA ALA E 70 17.62 -12.38 21.34
C ALA E 70 16.93 -11.69 22.51
N THR E 71 16.89 -10.36 22.47
CA THR E 71 16.49 -9.58 23.63
C THR E 71 15.63 -8.41 23.19
N LEU E 72 14.43 -8.33 23.76
CA LEU E 72 13.59 -7.14 23.65
C LEU E 72 13.83 -6.26 24.86
N THR E 73 14.02 -4.95 24.59
CA THR E 73 14.36 -4.00 25.63
C THR E 73 13.32 -2.87 25.64
N ILE E 74 12.77 -2.61 26.82
CA ILE E 74 11.81 -1.54 27.03
C ILE E 74 12.30 -0.67 28.18
N SER E 75 12.69 0.57 27.85
CA SER E 75 13.20 1.52 28.82
C SER E 75 12.07 2.44 29.29
N ARG E 76 12.31 3.16 30.39
CA ARG E 76 11.32 4.02 31.02
C ARG E 76 9.95 3.34 30.96
N VAL E 77 9.86 2.19 31.64
CA VAL E 77 8.65 1.36 31.63
C VAL E 77 7.51 2.15 32.24
N GLU E 78 6.40 2.27 31.50
CA GLU E 78 5.15 2.79 32.04
C GLU E 78 4.15 1.63 32.10
N ALA E 79 3.00 1.88 32.74
CA ALA E 79 2.09 0.82 33.15
C ALA E 79 1.37 0.22 31.94
N GLY E 80 1.16 1.05 30.90
CA GLY E 80 0.51 0.59 29.68
C GLY E 80 1.28 -0.51 28.97
N ASP E 81 2.57 -0.65 29.30
CA ASP E 81 3.45 -1.60 28.66
C ASP E 81 3.25 -3.01 29.22
N GLU E 82 2.40 -3.18 30.24
CA GLU E 82 2.05 -4.52 30.69
C GLU E 82 1.33 -5.26 29.57
N ALA E 83 1.74 -6.52 29.34
CA ALA E 83 1.22 -7.34 28.26
C ALA E 83 1.90 -8.71 28.27
N ASP E 84 1.47 -9.58 27.33
CA ASP E 84 2.25 -10.74 26.94
C ASP E 84 3.08 -10.38 25.71
N TYR E 85 4.35 -10.81 25.72
CA TYR E 85 5.30 -10.55 24.66
C TYR E 85 5.81 -11.89 24.11
N TYR E 86 5.71 -12.05 22.78
CA TYR E 86 6.13 -13.27 22.11
C TYR E 86 7.24 -12.95 21.11
N CYS E 87 8.29 -13.80 21.09
CA CYS E 87 9.30 -13.80 20.04
C CYS E 87 8.90 -14.77 18.94
N GLN E 88 9.42 -14.57 17.73
CA GLN E 88 8.99 -15.34 16.58
C GLN E 88 10.07 -15.38 15.50
N VAL E 89 10.15 -16.54 14.86
CA VAL E 89 11.16 -16.82 13.85
C VAL E 89 10.50 -17.55 12.69
N LEU E 90 11.17 -17.53 11.53
CA LEU E 90 10.75 -18.34 10.39
C LEU E 90 11.84 -19.38 10.13
N ASP E 91 11.46 -20.65 10.22
CA ASP E 91 12.38 -21.75 9.99
C ASP E 91 12.11 -22.32 8.60
N ARG E 92 12.96 -21.95 7.64
CA ARG E 92 12.82 -22.38 6.26
C ARG E 92 13.27 -23.85 6.10
N ARG E 93 13.91 -24.41 7.13
CA ARG E 93 14.22 -25.83 7.12
C ARG E 93 12.94 -26.65 7.10
N SER E 94 12.01 -26.34 8.03
CA SER E 94 10.76 -27.08 8.15
C SER E 94 9.58 -26.30 7.57
N ASP E 95 9.81 -25.06 7.13
CA ASP E 95 8.76 -24.17 6.64
C ASP E 95 7.69 -23.97 7.71
N HIS E 96 8.14 -23.70 8.94
CA HIS E 96 7.26 -23.34 10.04
C HIS E 96 7.59 -21.93 10.52
N TRP E 97 6.55 -21.19 10.93
CA TRP E 97 6.70 -20.00 11.74
C TRP E 97 6.60 -20.43 13.21
N LEU E 98 7.62 -20.11 14.01
CA LEU E 98 7.72 -20.56 15.38
C LEU E 98 7.49 -19.40 16.35
N PHE E 99 6.90 -19.72 17.50
CA PHE E 99 6.70 -18.74 18.57
C PHE E 99 7.36 -19.23 19.85
N GLY E 100 7.91 -18.30 20.63
CA GLY E 100 8.19 -18.55 22.03
C GLY E 100 6.90 -18.71 22.84
N GLY E 101 7.04 -19.22 24.07
CA GLY E 101 5.91 -19.53 24.93
C GLY E 101 5.23 -18.29 25.51
N GLY E 102 5.89 -17.14 25.41
CA GLY E 102 5.34 -15.87 25.84
C GLY E 102 5.90 -15.44 27.20
N THR E 103 5.94 -14.12 27.43
CA THR E 103 6.40 -13.54 28.69
C THR E 103 5.37 -12.52 29.17
N LYS E 104 4.86 -12.69 30.39
CA LYS E 104 3.99 -11.70 31.01
C LYS E 104 4.84 -10.62 31.66
N LEU E 105 4.68 -9.38 31.19
CA LEU E 105 5.39 -8.25 31.79
C LEU E 105 4.51 -7.62 32.86
N THR E 106 5.08 -7.48 34.06
CA THR E 106 4.38 -6.86 35.18
C THR E 106 5.16 -5.64 35.67
N VAL E 107 4.47 -4.50 35.75
CA VAL E 107 5.04 -3.26 36.26
C VAL E 107 4.76 -3.19 37.76
N LEU E 108 5.83 -3.11 38.58
CA LEU E 108 5.70 -3.11 40.03
C LEU E 108 5.40 -1.71 40.56
N GLY E 109 4.99 -1.66 41.84
CA GLY E 109 4.81 -0.41 42.58
C GLY E 109 3.72 0.47 41.98
N GLN E 110 2.65 -0.15 41.47
CA GLN E 110 1.50 0.61 40.99
C GLN E 110 0.60 0.93 42.18
N PRO E 111 -0.21 2.01 42.10
CA PRO E 111 -1.10 2.41 43.20
C PRO E 111 -2.16 1.37 43.49
N LYS E 112 -2.16 0.86 44.74
CA LYS E 112 -3.12 -0.14 45.18
C LYS E 112 -4.53 0.47 45.19
N ALA E 113 -5.52 -0.39 44.93
CA ALA E 113 -6.91 -0.01 45.06
C ALA E 113 -7.68 -1.14 45.73
N ALA E 114 -8.50 -0.78 46.72
CA ALA E 114 -9.38 -1.74 47.37
C ALA E 114 -10.58 -2.01 46.46
N PRO E 115 -11.12 -3.24 46.47
CA PRO E 115 -12.27 -3.58 45.63
C PRO E 115 -13.58 -2.89 46.03
N SER E 116 -14.40 -2.58 45.04
CA SER E 116 -15.82 -2.33 45.25
C SER E 116 -16.57 -3.64 45.14
N VAL E 117 -17.50 -3.89 46.07
CA VAL E 117 -18.24 -5.13 46.09
C VAL E 117 -19.73 -4.81 46.06
N THR E 118 -20.43 -5.36 45.06
CA THR E 118 -21.87 -5.26 44.98
C THR E 118 -22.44 -6.67 44.99
N LEU E 119 -23.29 -6.95 45.99
CA LEU E 119 -23.91 -8.26 46.11
C LEU E 119 -25.40 -8.12 45.80
N PHE E 120 -25.88 -8.98 44.89
CA PHE E 120 -27.28 -8.97 44.47
C PHE E 120 -27.96 -10.26 44.94
N PRO E 121 -29.19 -10.16 45.48
CA PRO E 121 -29.98 -11.35 45.82
C PRO E 121 -30.57 -11.95 44.55
N PRO E 122 -31.15 -13.17 44.60
CA PRO E 122 -31.95 -13.69 43.49
C PRO E 122 -33.09 -12.74 43.15
N SER E 123 -33.40 -12.63 41.86
CA SER E 123 -34.53 -11.83 41.41
C SER E 123 -35.82 -12.56 41.75
N SER E 124 -36.91 -11.81 41.90
CA SER E 124 -38.22 -12.42 42.05
C SER E 124 -38.43 -13.44 40.94
N GLU E 125 -38.08 -13.03 39.72
CA GLU E 125 -38.34 -13.80 38.51
C GLU E 125 -37.60 -15.13 38.56
N GLU E 126 -36.33 -15.11 38.97
CA GLU E 126 -35.54 -16.33 39.02
C GLU E 126 -36.17 -17.29 40.03
N LEU E 127 -36.60 -16.74 41.17
CA LEU E 127 -37.24 -17.54 42.22
C LEU E 127 -38.49 -18.21 41.67
N GLN E 128 -39.30 -17.44 40.93
CA GLN E 128 -40.55 -17.95 40.40
C GLN E 128 -40.28 -19.02 39.35
N ALA E 129 -39.04 -19.14 38.87
CA ALA E 129 -38.64 -20.23 37.98
C ALA E 129 -37.83 -21.29 38.74
N ASN E 130 -38.02 -21.35 40.06
CA ASN E 130 -37.52 -22.44 40.88
C ASN E 130 -35.99 -22.50 40.81
N LYS E 131 -35.35 -21.33 40.84
CA LYS E 131 -33.90 -21.22 40.92
C LYS E 131 -33.52 -19.99 41.74
N ALA E 132 -32.24 -19.93 42.15
CA ALA E 132 -31.73 -18.82 42.94
C ALA E 132 -30.22 -18.67 42.77
N THR E 133 -29.78 -17.46 42.39
CA THR E 133 -28.38 -17.16 42.19
C THR E 133 -28.00 -15.88 42.92
N LEU E 134 -27.00 -15.96 43.79
CA LEU E 134 -26.40 -14.77 44.41
C LEU E 134 -25.18 -14.34 43.60
N VAL E 135 -25.10 -13.04 43.34
CA VAL E 135 -24.15 -12.48 42.40
C VAL E 135 -23.27 -11.46 43.13
N CYS E 136 -21.98 -11.78 43.27
CA CYS E 136 -21.04 -10.94 43.99
C CYS E 136 -20.03 -10.34 43.01
N LEU E 137 -20.07 -9.02 42.84
CA LEU E 137 -19.32 -8.35 41.78
C LEU E 137 -18.25 -7.43 42.36
N ILE E 138 -17.02 -7.66 41.89
CA ILE E 138 -15.81 -7.11 42.49
C ILE E 138 -15.05 -6.31 41.43
N SER E 139 -14.92 -5.00 41.63
CA SER E 139 -14.31 -4.16 40.60
C SER E 139 -13.29 -3.19 41.21
N ASP E 140 -12.51 -2.55 40.32
CA ASP E 140 -11.61 -1.46 40.64
C ASP E 140 -10.59 -1.85 41.72
N PHE E 141 -10.01 -3.05 41.63
CA PHE E 141 -8.97 -3.46 42.57
C PHE E 141 -7.62 -3.69 41.87
N TYR E 142 -6.57 -3.71 42.68
CA TYR E 142 -5.19 -3.85 42.26
C TYR E 142 -4.34 -4.04 43.52
N PRO E 143 -3.41 -5.02 43.57
CA PRO E 143 -3.15 -5.95 42.47
C PRO E 143 -4.31 -6.92 42.23
N GLY E 144 -4.25 -7.63 41.09
CA GLY E 144 -5.35 -8.49 40.66
C GLY E 144 -5.29 -9.87 41.29
N ALA E 145 -5.65 -9.96 42.59
CA ALA E 145 -5.76 -11.23 43.27
C ALA E 145 -6.70 -11.10 44.48
N VAL E 146 -7.70 -11.98 44.55
CA VAL E 146 -8.71 -11.93 45.60
C VAL E 146 -9.14 -13.35 45.97
N THR E 147 -9.71 -13.48 47.18
CA THR E 147 -10.27 -14.72 47.70
C THR E 147 -11.73 -14.47 48.07
N VAL E 148 -12.63 -15.32 47.58
CA VAL E 148 -14.05 -15.23 47.93
C VAL E 148 -14.43 -16.40 48.81
N ALA E 149 -15.23 -16.12 49.85
CA ALA E 149 -15.81 -17.14 50.70
C ALA E 149 -17.25 -16.76 51.03
N TRP E 150 -18.18 -17.71 50.90
CA TRP E 150 -19.59 -17.44 51.13
C TRP E 150 -20.00 -17.95 52.51
N LYS E 151 -21.05 -17.33 53.06
CA LYS E 151 -21.58 -17.69 54.36
C LYS E 151 -23.10 -17.72 54.31
N ALA E 152 -23.69 -18.75 54.91
CA ALA E 152 -25.13 -18.83 55.14
C ALA E 152 -25.39 -18.62 56.63
N ASP E 153 -26.00 -17.48 56.96
CA ASP E 153 -25.98 -16.96 58.31
C ASP E 153 -24.51 -16.80 58.70
N SER E 154 -24.09 -17.48 59.78
CA SER E 154 -22.73 -17.41 60.25
C SER E 154 -21.87 -18.52 59.63
N SER E 155 -22.51 -19.57 59.11
CA SER E 155 -21.81 -20.78 58.71
C SER E 155 -21.25 -20.64 57.29
N PRO E 156 -20.08 -21.24 56.99
CA PRO E 156 -19.51 -21.20 55.64
C PRO E 156 -20.26 -22.08 54.64
N VAL E 157 -20.32 -21.62 53.38
CA VAL E 157 -20.96 -22.39 52.32
C VAL E 157 -19.89 -22.91 51.38
N LYS E 158 -19.97 -24.22 51.10
CA LYS E 158 -18.95 -24.93 50.35
C LYS E 158 -19.66 -25.81 49.32
N ALA E 159 -20.55 -25.18 48.55
CA ALA E 159 -21.29 -25.88 47.50
C ALA E 159 -21.96 -24.87 46.56
N GLY E 160 -21.81 -25.11 45.26
CA GLY E 160 -22.47 -24.31 44.25
C GLY E 160 -21.87 -22.92 44.10
N VAL E 161 -20.57 -22.79 44.43
CA VAL E 161 -19.83 -21.55 44.32
C VAL E 161 -18.97 -21.61 43.06
N GLU E 162 -19.08 -20.57 42.23
CA GLU E 162 -18.31 -20.50 40.99
C GLU E 162 -17.72 -19.10 40.88
N THR E 163 -16.38 -19.02 40.84
CA THR E 163 -15.68 -17.75 40.96
C THR E 163 -14.71 -17.59 39.79
N THR E 164 -14.76 -16.43 39.10
CA THR E 164 -13.88 -16.20 37.96
C THR E 164 -12.47 -15.89 38.45
N THR E 165 -11.53 -15.90 37.50
CA THR E 165 -10.21 -15.34 37.73
C THR E 165 -10.32 -13.83 37.46
N PRO E 166 -9.37 -12.99 37.93
CA PRO E 166 -9.40 -11.55 37.65
C PRO E 166 -9.10 -11.19 36.19
N SER E 167 -9.28 -9.90 35.84
CA SER E 167 -8.97 -9.40 34.50
C SER E 167 -8.90 -7.87 34.47
N LYS E 168 -7.99 -7.33 33.64
CA LYS E 168 -7.79 -5.89 33.50
C LYS E 168 -9.06 -5.18 33.01
N GLN E 169 -9.35 -4.03 33.62
CA GLN E 169 -10.39 -3.13 33.14
C GLN E 169 -9.78 -2.08 32.20
N SER E 170 -10.62 -1.15 31.72
CA SER E 170 -10.17 0.03 30.99
C SER E 170 -9.12 0.79 31.80
N ASN E 171 -9.44 1.03 33.08
CA ASN E 171 -8.63 1.88 33.93
C ASN E 171 -7.47 1.09 34.55
N ASN E 172 -7.11 -0.05 33.95
CA ASN E 172 -5.92 -0.79 34.33
C ASN E 172 -6.03 -1.33 35.76
N LYS E 173 -7.25 -1.33 36.33
CA LYS E 173 -7.52 -2.05 37.56
C LYS E 173 -8.22 -3.36 37.18
N TYR E 174 -8.43 -4.24 38.16
CA TYR E 174 -8.92 -5.58 37.90
C TYR E 174 -10.39 -5.72 38.28
N ALA E 175 -11.00 -6.80 37.79
CA ALA E 175 -12.37 -7.15 38.10
C ALA E 175 -12.51 -8.67 38.20
N ALA E 176 -13.49 -9.13 38.98
CA ALA E 176 -13.83 -10.54 39.10
C ALA E 176 -15.28 -10.69 39.54
N SER E 177 -15.78 -11.93 39.59
CA SER E 177 -17.15 -12.18 40.04
C SER E 177 -17.25 -13.59 40.62
N SER E 178 -18.19 -13.76 41.57
CA SER E 178 -18.51 -15.06 42.14
C SER E 178 -20.02 -15.25 42.21
N TYR E 179 -20.46 -16.50 41.97
CA TYR E 179 -21.86 -16.86 41.85
C TYR E 179 -22.17 -18.02 42.80
N LEU E 180 -23.22 -17.89 43.62
CA LEU E 180 -23.66 -18.96 44.49
C LEU E 180 -25.07 -19.39 44.10
N SER E 181 -25.22 -20.70 43.80
CA SER E 181 -26.49 -21.26 43.37
C SER E 181 -27.19 -21.95 44.54
N LEU E 182 -28.43 -21.52 44.80
CA LEU E 182 -29.25 -22.11 45.85
C LEU E 182 -30.54 -22.68 45.26
N THR E 183 -31.22 -23.49 46.08
CA THR E 183 -32.65 -23.75 45.93
C THR E 183 -33.41 -22.57 46.50
N PRO E 184 -34.59 -22.18 45.96
CA PRO E 184 -35.39 -21.13 46.59
C PRO E 184 -35.72 -21.43 48.05
N GLU E 185 -35.72 -22.72 48.41
CA GLU E 185 -35.96 -23.13 49.78
C GLU E 185 -34.79 -22.72 50.67
N GLN E 186 -33.58 -23.13 50.28
CA GLN E 186 -32.36 -22.78 51.00
C GLN E 186 -32.31 -21.27 51.22
N TRP E 187 -32.59 -20.51 50.17
CA TRP E 187 -32.52 -19.05 50.21
C TRP E 187 -33.47 -18.50 51.27
N LYS E 188 -34.69 -19.04 51.34
CA LYS E 188 -35.73 -18.53 52.21
C LYS E 188 -35.54 -19.05 53.64
N SER E 189 -34.90 -20.23 53.77
CA SER E 189 -34.75 -20.86 55.09
C SER E 189 -33.78 -20.06 55.96
N HIS E 190 -32.57 -19.78 55.43
CA HIS E 190 -31.56 -19.06 56.19
C HIS E 190 -31.95 -17.60 56.35
N ARG E 191 -31.37 -16.95 57.36
CA ARG E 191 -31.75 -15.60 57.74
C ARG E 191 -31.02 -14.62 56.82
N SER E 192 -29.75 -14.92 56.50
CA SER E 192 -28.99 -14.12 55.56
C SER E 192 -27.89 -14.96 54.90
N TYR E 193 -27.40 -14.45 53.76
CA TYR E 193 -26.20 -14.98 53.13
C TYR E 193 -25.21 -13.83 52.95
N SER E 194 -23.91 -14.17 52.98
CA SER E 194 -22.84 -13.19 52.90
C SER E 194 -21.79 -13.60 51.88
N CYS E 195 -21.17 -12.59 51.25
CA CYS E 195 -20.05 -12.78 50.35
C CYS E 195 -18.83 -12.02 50.87
N GLN E 196 -17.77 -12.76 51.21
CA GLN E 196 -16.56 -12.17 51.80
C GLN E 196 -15.44 -12.16 50.77
N VAL E 197 -15.06 -10.95 50.35
CA VAL E 197 -13.92 -10.74 49.47
C VAL E 197 -12.71 -10.34 50.31
N THR E 198 -11.60 -11.10 50.19
CA THR E 198 -10.34 -10.78 50.84
C THR E 198 -9.37 -10.21 49.80
N HIS E 199 -8.61 -9.19 50.19
CA HIS E 199 -7.70 -8.49 49.29
C HIS E 199 -6.58 -7.86 50.09
N GLU E 200 -5.36 -8.38 49.91
CA GLU E 200 -4.17 -7.85 50.56
C GLU E 200 -4.37 -7.84 52.07
N GLY E 201 -4.89 -8.94 52.61
CA GLY E 201 -5.00 -9.14 54.05
C GLY E 201 -6.27 -8.54 54.67
N SER E 202 -7.01 -7.71 53.92
CA SER E 202 -8.23 -7.09 54.39
C SER E 202 -9.45 -7.74 53.75
N THR E 203 -10.55 -7.83 54.51
CA THR E 203 -11.74 -8.53 54.07
C THR E 203 -12.94 -7.59 54.09
N VAL E 204 -13.74 -7.63 53.01
CA VAL E 204 -14.95 -6.85 52.88
C VAL E 204 -16.11 -7.80 52.66
N GLU E 205 -17.23 -7.56 53.37
CA GLU E 205 -18.35 -8.47 53.39
C GLU E 205 -19.63 -7.69 53.06
N LYS E 206 -20.41 -8.23 52.12
CA LYS E 206 -21.75 -7.75 51.86
C LYS E 206 -22.75 -8.84 52.27
N THR E 207 -23.93 -8.40 52.71
CA THR E 207 -24.95 -9.32 53.19
C THR E 207 -26.29 -9.01 52.55
N VAL E 208 -27.03 -10.08 52.23
CA VAL E 208 -28.38 -9.98 51.70
C VAL E 208 -29.25 -10.98 52.44
N ALA E 209 -30.52 -10.61 52.64
CA ALA E 209 -31.49 -11.44 53.31
C ALA E 209 -32.85 -11.33 52.62
N PRO E 210 -33.63 -12.43 52.53
CA PRO E 210 -35.02 -12.36 52.03
C PRO E 210 -35.87 -11.25 52.65
N THR E 211 -36.14 -10.19 51.86
CA THR E 211 -37.02 -9.08 52.23
C THR E 211 -37.06 -8.05 51.11
N GLU E 212 -38.11 -8.10 50.28
CA GLU E 212 -38.23 -7.25 49.10
C GLU E 212 -38.88 -5.92 49.49
N CYS E 213 -40.00 -6.01 50.24
CA CYS E 213 -40.86 -4.87 50.56
C CYS E 213 -41.18 -4.07 49.30
N SER F 1 32.09 -25.85 -19.66
CA SER F 1 30.90 -25.71 -18.80
C SER F 1 30.91 -24.39 -18.03
N GLU F 2 29.75 -24.07 -17.46
CA GLU F 2 29.61 -22.96 -16.53
C GLU F 2 28.32 -23.20 -15.76
N VAL F 3 28.30 -22.70 -14.52
CA VAL F 3 27.20 -22.92 -13.58
C VAL F 3 25.92 -22.33 -14.16
N GLU F 4 24.79 -23.02 -13.93
CA GLU F 4 23.54 -22.67 -14.58
C GLU F 4 22.37 -23.21 -13.75
N TYR F 5 21.24 -22.51 -13.80
CA TYR F 5 20.03 -22.86 -13.07
C TYR F 5 18.92 -23.08 -14.09
N ARG F 6 18.01 -24.00 -13.78
CA ARG F 6 17.12 -24.55 -14.78
C ARG F 6 15.70 -24.66 -14.23
N ALA F 7 14.74 -24.52 -15.15
CA ALA F 7 13.32 -24.67 -14.85
C ALA F 7 12.57 -24.93 -16.15
N GLU F 8 11.49 -25.71 -16.04
CA GLU F 8 10.53 -25.90 -17.13
C GLU F 8 9.48 -24.80 -17.04
N VAL F 9 8.94 -24.40 -18.19
CA VAL F 9 7.85 -23.45 -18.27
C VAL F 9 6.77 -23.86 -17.28
N GLY F 10 6.30 -22.89 -16.49
CA GLY F 10 5.26 -23.14 -15.50
C GLY F 10 5.82 -23.19 -14.08
N GLN F 11 7.04 -23.74 -13.91
CA GLN F 11 7.63 -23.92 -12.59
C GLN F 11 8.16 -22.58 -12.06
N ASN F 12 8.54 -22.60 -10.78
CA ASN F 12 9.29 -21.53 -10.17
C ASN F 12 10.78 -21.74 -10.41
N ALA F 13 11.51 -20.64 -10.65
CA ALA F 13 12.96 -20.68 -10.75
C ALA F 13 13.57 -20.23 -9.42
N TYR F 14 14.78 -20.74 -9.14
CA TYR F 14 15.43 -20.49 -7.88
C TYR F 14 16.87 -20.09 -8.15
N LEU F 15 17.18 -18.81 -7.92
CA LEU F 15 18.51 -18.30 -8.16
C LEU F 15 19.12 -17.93 -6.82
N PRO F 16 20.30 -18.48 -6.48
CA PRO F 16 20.97 -18.21 -5.22
C PRO F 16 21.79 -16.92 -5.24
N CYS F 17 21.79 -16.22 -4.12
CA CYS F 17 22.74 -15.15 -3.90
C CYS F 17 22.89 -14.88 -2.42
N PHE F 18 24.11 -14.57 -2.01
CA PHE F 18 24.46 -14.54 -0.59
C PHE F 18 25.57 -13.53 -0.30
N TYR F 19 25.52 -12.97 0.92
CA TYR F 19 26.66 -12.30 1.51
C TYR F 19 26.63 -12.59 3.00
N THR F 20 27.76 -12.37 3.68
CA THR F 20 27.83 -12.52 5.13
C THR F 20 28.07 -11.15 5.75
N PRO F 21 27.14 -10.62 6.57
CA PRO F 21 27.45 -9.49 7.45
C PRO F 21 28.54 -9.88 8.45
N ALA F 22 29.80 -9.76 8.02
CA ALA F 22 30.95 -10.09 8.84
C ALA F 22 31.13 -9.03 9.93
N ALA F 23 30.54 -7.85 9.72
CA ALA F 23 30.25 -6.90 10.78
C ALA F 23 28.75 -6.90 11.04
N PRO F 24 28.23 -7.81 11.90
CA PRO F 24 26.78 -7.94 12.12
C PRO F 24 26.15 -6.71 12.74
N GLY F 25 24.81 -6.71 12.81
CA GLY F 25 24.06 -5.56 13.28
C GLY F 25 24.24 -4.36 12.36
N ASN F 26 24.44 -4.62 11.06
CA ASN F 26 24.56 -3.59 10.05
C ASN F 26 24.53 -4.24 8.66
N LEU F 27 23.59 -3.78 7.82
CA LEU F 27 23.27 -4.43 6.56
C LEU F 27 23.48 -3.47 5.41
N VAL F 28 23.56 -4.03 4.19
CA VAL F 28 23.82 -3.26 2.98
C VAL F 28 22.64 -3.45 2.02
N PRO F 29 22.37 -2.47 1.14
CA PRO F 29 21.33 -2.61 0.12
C PRO F 29 21.71 -3.65 -0.94
N VAL F 30 20.68 -4.19 -1.60
CA VAL F 30 20.85 -5.25 -2.58
C VAL F 30 19.86 -5.03 -3.71
N CYS F 31 20.17 -5.56 -4.91
CA CYS F 31 19.24 -5.45 -6.01
C CYS F 31 19.46 -6.57 -7.02
N TRP F 32 18.35 -7.10 -7.56
CA TRP F 32 18.35 -8.00 -8.70
C TRP F 32 17.91 -7.25 -9.96
N GLY F 33 18.49 -7.63 -11.11
CA GLY F 33 18.07 -7.12 -12.41
C GLY F 33 18.28 -8.16 -13.50
N LYS F 34 17.71 -7.89 -14.69
CA LYS F 34 17.84 -8.78 -15.84
C LYS F 34 19.02 -8.32 -16.68
N GLY F 35 19.76 -9.28 -17.24
CA GLY F 35 21.02 -9.00 -17.92
C GLY F 35 22.19 -9.03 -16.95
N ALA F 36 23.39 -9.30 -17.49
CA ALA F 36 24.62 -9.31 -16.71
C ALA F 36 24.75 -8.00 -15.94
N CYS F 37 25.47 -8.06 -14.82
CA CYS F 37 25.70 -6.91 -13.98
C CYS F 37 26.43 -5.85 -14.78
N PRO F 38 25.84 -4.64 -14.97
CA PRO F 38 26.53 -3.54 -15.63
C PRO F 38 27.58 -2.93 -14.68
N VAL F 39 28.23 -1.87 -15.15
CA VAL F 39 29.30 -1.23 -14.39
C VAL F 39 28.77 -0.73 -13.04
N PHE F 40 27.52 -0.26 -13.04
CA PHE F 40 26.94 0.45 -11.91
C PHE F 40 25.49 -0.01 -11.72
N GLU F 41 25.13 -0.34 -10.46
CA GLU F 41 23.78 -0.73 -10.06
C GLU F 41 23.35 -2.00 -10.80
N CYS F 42 22.04 -2.29 -10.84
CA CYS F 42 21.48 -3.33 -11.68
C CYS F 42 20.72 -2.74 -12.86
N GLY F 43 20.97 -3.31 -14.05
CA GLY F 43 20.15 -3.04 -15.22
C GLY F 43 18.84 -3.82 -15.17
N ASN F 44 17.78 -3.19 -15.68
CA ASN F 44 16.46 -3.79 -15.74
C ASN F 44 16.09 -4.30 -14.36
N VAL F 45 16.16 -3.40 -13.39
CA VAL F 45 15.90 -3.72 -11.99
C VAL F 45 14.57 -4.44 -11.91
N VAL F 46 14.52 -5.52 -11.12
CA VAL F 46 13.26 -6.19 -10.83
C VAL F 46 12.95 -6.16 -9.34
N LEU F 47 13.99 -6.17 -8.50
CA LEU F 47 13.78 -6.16 -7.06
C LEU F 47 14.97 -5.48 -6.40
N ARG F 48 14.69 -4.64 -5.40
CA ARG F 48 15.72 -3.89 -4.72
C ARG F 48 15.36 -3.74 -3.24
N THR F 49 16.37 -3.64 -2.39
CA THR F 49 16.19 -3.26 -0.99
C THR F 49 17.01 -2.02 -0.70
N ASP F 50 16.60 -1.27 0.31
CA ASP F 50 17.49 -0.33 0.99
C ASP F 50 18.20 -1.13 2.09
N GLU F 51 18.75 -0.43 3.08
CA GLU F 51 19.51 -1.08 4.15
C GLU F 51 18.57 -1.80 5.12
N ARG F 52 17.26 -1.73 4.89
CA ARG F 52 16.27 -2.24 5.84
C ARG F 52 15.36 -3.29 5.19
N ASP F 53 14.72 -2.94 4.06
CA ASP F 53 13.78 -3.85 3.43
C ASP F 53 13.48 -3.43 1.98
N VAL F 54 12.59 -4.19 1.33
CA VAL F 54 12.33 -4.10 -0.08
C VAL F 54 11.68 -2.75 -0.39
N ASN F 55 12.31 -1.96 -1.26
CA ASN F 55 11.76 -0.68 -1.67
C ASN F 55 11.47 -0.69 -3.17
N TYR F 56 11.61 -1.84 -3.84
CA TYR F 56 11.25 -1.92 -5.25
C TYR F 56 10.97 -3.38 -5.58
N TRP F 57 9.77 -3.65 -6.09
CA TRP F 57 9.31 -5.01 -6.30
C TRP F 57 8.60 -5.13 -7.65
N THR F 58 8.67 -6.34 -8.21
CA THR F 58 8.04 -6.65 -9.48
C THR F 58 7.23 -7.93 -9.32
N SER F 59 6.05 -7.95 -9.94
CA SER F 59 5.21 -9.13 -9.93
C SER F 59 6.02 -10.32 -10.44
N ARG F 60 6.04 -11.39 -9.63
CA ARG F 60 6.61 -12.70 -9.94
C ARG F 60 7.99 -12.87 -9.30
N TYR F 61 8.59 -11.78 -8.80
CA TYR F 61 9.95 -11.83 -8.27
C TYR F 61 9.90 -11.62 -6.75
N TRP F 62 10.56 -12.52 -6.01
CA TRP F 62 10.51 -12.46 -4.56
C TRP F 62 11.86 -12.87 -3.96
N LEU F 63 12.23 -12.17 -2.88
CA LEU F 63 13.24 -12.68 -1.95
C LEU F 63 12.61 -13.82 -1.16
N ASN F 64 13.17 -15.02 -1.30
CA ASN F 64 12.65 -16.20 -0.62
C ASN F 64 13.42 -16.52 0.65
N GLY F 65 14.49 -15.77 0.93
CA GLY F 65 15.40 -16.10 2.02
C GLY F 65 15.46 -15.01 3.08
N ASP F 66 16.11 -15.32 4.20
CA ASP F 66 16.32 -14.37 5.27
C ASP F 66 17.40 -13.36 4.84
N PHE F 67 16.99 -12.34 4.05
CA PHE F 67 17.95 -11.43 3.44
C PHE F 67 18.65 -10.58 4.49
N ARG F 68 17.99 -10.36 5.63
CA ARG F 68 18.59 -9.64 6.74
C ARG F 68 19.73 -10.44 7.36
N LYS F 69 19.82 -11.74 7.05
CA LYS F 69 20.91 -12.59 7.52
C LYS F 69 21.73 -13.08 6.34
N GLY F 70 21.58 -12.43 5.18
CA GLY F 70 22.51 -12.63 4.08
C GLY F 70 21.99 -13.56 2.99
N ASP F 71 20.76 -14.07 3.10
CA ASP F 71 20.20 -14.89 2.05
C ASP F 71 19.34 -14.02 1.13
N VAL F 72 19.92 -13.68 -0.03
CA VAL F 72 19.28 -12.78 -0.97
C VAL F 72 18.84 -13.58 -2.19
N SER F 73 18.58 -14.89 -1.98
CA SER F 73 18.19 -15.76 -3.07
C SER F 73 16.81 -15.34 -3.58
N LEU F 74 16.56 -15.63 -4.85
CA LEU F 74 15.40 -15.11 -5.57
C LEU F 74 14.54 -16.24 -6.08
N THR F 75 13.22 -16.13 -5.91
CA THR F 75 12.27 -16.98 -6.61
C THR F 75 11.64 -16.19 -7.76
N ILE F 76 11.53 -16.82 -8.93
CA ILE F 76 10.75 -16.29 -10.05
C ILE F 76 9.59 -17.24 -10.32
N GLU F 77 8.36 -16.76 -10.15
CA GLU F 77 7.18 -17.59 -10.32
C GLU F 77 6.79 -17.75 -11.79
N ASN F 78 6.24 -18.93 -12.08
CA ASN F 78 5.54 -19.22 -13.33
C ASN F 78 6.34 -18.69 -14.51
N VAL F 79 7.50 -19.33 -14.74
CA VAL F 79 8.49 -18.85 -15.69
C VAL F 79 8.02 -19.15 -17.12
N THR F 80 8.47 -18.31 -18.05
CA THR F 80 8.27 -18.51 -19.47
C THR F 80 9.63 -18.54 -20.17
N LEU F 81 9.63 -18.90 -21.46
CA LEU F 81 10.84 -18.92 -22.26
C LEU F 81 11.50 -17.54 -22.24
N ALA F 82 10.69 -16.48 -22.18
CA ALA F 82 11.20 -15.11 -22.14
C ALA F 82 12.07 -14.88 -20.90
N ASP F 83 11.90 -15.70 -19.86
CA ASP F 83 12.63 -15.50 -18.62
C ASP F 83 14.07 -15.99 -18.75
N SER F 84 14.36 -16.81 -19.76
CA SER F 84 15.73 -17.27 -19.98
C SER F 84 16.67 -16.08 -20.04
N GLY F 85 17.91 -16.31 -19.58
CA GLY F 85 18.95 -15.32 -19.69
C GLY F 85 19.70 -15.17 -18.38
N ILE F 86 20.53 -14.12 -18.34
CA ILE F 86 21.43 -13.85 -17.24
C ILE F 86 20.75 -12.86 -16.30
N TYR F 87 20.88 -13.11 -15.00
CA TYR F 87 20.37 -12.21 -13.98
C TYR F 87 21.52 -11.70 -13.11
N CYS F 88 21.40 -10.46 -12.66
CA CYS F 88 22.43 -9.82 -11.85
C CYS F 88 21.92 -9.68 -10.42
N CYS F 89 22.71 -10.17 -9.48
CA CYS F 89 22.48 -9.94 -8.07
C CYS F 89 23.66 -9.12 -7.54
N ARG F 90 23.38 -8.09 -6.76
CA ARG F 90 24.38 -7.08 -6.49
C ARG F 90 24.25 -6.60 -5.03
N ILE F 91 25.39 -6.56 -4.35
CA ILE F 91 25.46 -6.16 -2.95
C ILE F 91 26.22 -4.84 -2.90
N GLN F 92 25.60 -3.80 -2.34
CA GLN F 92 26.20 -2.46 -2.34
C GLN F 92 27.09 -2.31 -1.11
N ILE F 93 28.34 -2.76 -1.23
CA ILE F 93 29.39 -2.46 -0.26
C ILE F 93 29.99 -1.10 -0.62
N PRO F 94 30.12 -0.13 0.33
CA PRO F 94 30.84 1.11 0.06
C PRO F 94 32.34 0.85 -0.04
N GLY F 95 32.96 1.28 -1.14
CA GLY F 95 34.40 1.16 -1.28
C GLY F 95 34.89 1.69 -2.64
N ILE F 96 36.15 1.35 -2.96
CA ILE F 96 36.81 1.79 -4.18
C ILE F 96 36.02 1.28 -5.38
N MET F 97 35.53 0.04 -5.27
CA MET F 97 34.66 -0.62 -6.21
C MET F 97 34.72 -2.11 -5.85
N ASN F 98 34.09 -2.45 -4.72
CA ASN F 98 33.99 -3.83 -4.28
C ASN F 98 32.53 -4.14 -3.97
N ASP F 99 31.59 -3.48 -4.68
CA ASP F 99 30.29 -4.07 -4.94
C ASP F 99 30.49 -5.52 -5.37
N GLU F 100 29.93 -6.46 -4.60
CA GLU F 100 29.91 -7.86 -5.02
C GLU F 100 28.86 -8.01 -6.12
N LYS F 101 29.31 -8.47 -7.29
CA LYS F 101 28.46 -8.65 -8.45
C LYS F 101 28.42 -10.13 -8.82
N PHE F 102 27.20 -10.67 -8.98
CA PHE F 102 27.00 -12.07 -9.27
C PHE F 102 26.07 -12.20 -10.47
N ASN F 103 26.56 -12.86 -11.52
CA ASN F 103 25.74 -13.14 -12.68
C ASN F 103 25.25 -14.58 -12.59
N LEU F 104 23.93 -14.77 -12.70
CA LEU F 104 23.34 -16.09 -12.60
C LEU F 104 22.55 -16.41 -13.85
N LYS F 105 22.92 -17.53 -14.48
CA LYS F 105 22.33 -17.97 -15.72
C LYS F 105 21.10 -18.84 -15.44
N LEU F 106 19.94 -18.40 -15.97
CA LEU F 106 18.72 -19.18 -15.94
C LEU F 106 18.40 -19.69 -17.33
N VAL F 107 18.18 -21.00 -17.45
CA VAL F 107 17.80 -21.62 -18.71
C VAL F 107 16.42 -22.24 -18.56
N ILE F 108 15.46 -21.76 -19.36
CA ILE F 108 14.10 -22.25 -19.33
C ILE F 108 13.88 -23.21 -20.50
N LYS F 109 13.38 -24.41 -20.20
CA LYS F 109 13.06 -25.39 -21.22
C LYS F 109 11.55 -25.37 -21.49
C1 NAG G . 8.43 5.85 -56.29
C2 NAG G . 7.21 6.43 -56.99
C3 NAG G . 5.99 5.53 -56.77
C4 NAG G . 5.81 5.17 -55.30
C5 NAG G . 7.11 4.65 -54.69
C6 NAG G . 6.98 3.25 -54.13
C7 NAG G . 6.22 8.66 -57.28
C8 NAG G . 4.88 9.05 -56.72
N2 NAG G . 6.94 7.78 -56.57
O3 NAG G . 6.08 4.35 -57.57
O4 NAG G . 5.41 6.35 -54.60
O5 NAG G . 8.16 4.59 -55.68
O6 NAG G . 8.03 2.96 -53.23
O7 NAG G . 6.64 9.13 -58.34
C1 NAG H . -0.75 -18.38 -15.19
C2 NAG H . -1.35 -19.79 -15.05
C3 NAG H . -1.97 -20.30 -16.36
C4 NAG H . -2.52 -19.18 -17.22
C5 NAG H . -1.41 -18.17 -17.48
C6 NAG H . -1.78 -17.12 -18.50
C7 NAG H . -0.02 -20.93 -13.29
C8 NAG H . 0.69 -22.21 -12.98
N2 NAG H . -0.34 -20.72 -14.57
O3 NAG H . -2.99 -21.25 -16.04
O4 NAG H . -3.01 -19.72 -18.44
O5 NAG H . -1.15 -17.51 -16.23
O6 NAG H . -1.04 -15.91 -18.30
O7 NAG H . -0.28 -20.11 -12.42
#